data_4F7Z
#
_entry.id   4F7Z
#
_cell.length_a   69.720
_cell.length_b   95.350
_cell.length_c   181.840
_cell.angle_alpha   90.00
_cell.angle_beta   90.00
_cell.angle_gamma   90.00
#
_symmetry.space_group_name_H-M   'P 21 21 21'
#
loop_
_entity.id
_entity.type
_entity.pdbx_description
1 polymer 'Rap guanine nucleotide exchange factor 4'
2 non-polymer GLYCEROL
3 water water
#
_entity_poly.entity_id   1
_entity_poly.type   'polypeptide(L)'
_entity_poly.pdbx_seq_one_letter_code
;GSPGIPMVAAHAAHSQSSAEWIACLDKRPLERSSEDVDIIFTRLKGVKAFEKFHPNLLRQICLCGYYENLEKGITLFRQG
DIGTNWYAVLAGSLDVKVSETSSHQDAVTICTLGIGTAFGESILDNTPRHATIVTRESSELLRIEQEDFKALWEKYRQYM
AGLLAPPYGVMETGSNNDRIPDKENVPSEKILRAGKILRIAILSRAPHMIRDRKYHLKTYRQCCVGTELVDWMIQQTSCV
HSRTQAVGMWQVLLEDGVLNHVDQERHFQDKYLFYRFLDDEREDAPLPTEEEKKECDEELQDTMLLLSQMGPDAHMRMIL
RKPPGQRTVDDLEIIYDELLHIKALSHLSTTVKRELAGVLIFESHAKGGTVLFNQGEEGTSWYIILKGSVNVVIYGKGVV
CTLHEGDDFGKLALVNDAPRAASIVLREDNCHFLRVDKEDGNRILRDVEANTVRLKEHDQDVLVLEKVPAGNRAANQGNS
QPQQKYTVMSGTPEKILEHFLETIRLEPSLNEATDSVLNDFVMMHCVFMPNTQLCPALVAHYHAQPSQGTEQERMDYALN
NKRRVIRLVLQWAAMYGDLLQEDDVAMAFLEEFYVSVSDDARMMAAFKEQLPELEKIVKQISEDAKAPQKKHKVLLQQFN
TGDERAQKRQPIRGSDEVLFKVYCIDHTYTTIRVPVAASVKEVISAVADKLGSGEGLIIVKMNSGGEKVVLKSNDVSVFT
TLTINGRLFACPREQFDSLTPLPEQEGPTTGTVGTFELMSSKDLAYQMTTYDWELFNCVHELELIYHTFGRHNFKKTTAN
LDLFLRRFNEIQFWVVTEVCLCSQLSKRVQLLKKFIKIAAHCKEYKNLNSFFAIVMGLSNVAVSRLALTWEKLPSKFKKF
YAEFESLMDPSRNHRAYRLTAAKLEPPLIPFMPLLIKDMTFTHEGNKTFIDNLVNFEKMRMIANTARTVRYYRSQPFNPD
AAQANKNHQDVRSYVRQLNVIDNQRTLSQMSHRLEPRRP
;
_entity_poly.pdbx_strand_id   A
#
# COMPACT_ATOMS: atom_id res chain seq x y z
N GLN A 16 -11.56 -3.07 16.35
CA GLN A 16 -10.86 -1.92 16.99
C GLN A 16 -9.82 -1.34 16.03
N SER A 17 -9.33 -0.15 16.36
CA SER A 17 -8.33 0.52 15.52
C SER A 17 -7.05 -0.29 15.48
N SER A 18 -6.51 -0.49 14.28
CA SER A 18 -5.25 -1.21 14.12
C SER A 18 -4.20 -0.63 15.06
N ALA A 19 -4.00 0.68 14.99
CA ALA A 19 -3.06 1.37 15.84
C ALA A 19 -3.78 2.07 17.00
N GLU A 20 -4.02 1.32 18.07
CA GLU A 20 -4.69 1.87 19.26
C GLU A 20 -3.68 2.13 20.37
N TRP A 21 -2.52 1.48 20.27
CA TRP A 21 -1.44 1.67 21.22
C TRP A 21 -1.09 3.15 21.37
N ILE A 22 -1.30 3.93 20.31
CA ILE A 22 -1.03 5.36 20.34
C ILE A 22 -1.94 6.04 21.36
N ALA A 23 -3.20 5.62 21.39
CA ALA A 23 -4.17 6.17 22.33
C ALA A 23 -3.69 5.97 23.76
N CYS A 24 -2.93 4.90 23.96
CA CYS A 24 -2.42 4.55 25.28
C CYS A 24 -1.26 5.45 25.67
N LEU A 25 -0.33 5.70 24.74
CA LEU A 25 0.77 6.62 24.98
C LEU A 25 0.27 8.02 25.31
N ASP A 26 -0.94 8.34 24.83
CA ASP A 26 -1.57 9.61 25.17
C ASP A 26 -1.88 9.63 26.66
N LYS A 27 -2.69 8.66 27.10
CA LYS A 27 -3.07 8.55 28.50
C LYS A 27 -1.88 8.81 29.41
N ARG A 28 -1.94 9.90 30.19
CA ARG A 28 -0.84 10.32 31.03
C ARG A 28 -0.21 9.13 31.76
N PRO A 29 1.04 9.27 32.21
CA PRO A 29 1.69 8.14 32.90
C PRO A 29 0.92 7.65 34.11
N LEU A 30 0.59 8.57 35.02
CA LEU A 30 -0.08 8.20 36.26
C LEU A 30 -1.39 7.42 36.02
N GLU A 31 -2.08 7.72 34.92
CA GLU A 31 -3.31 7.02 34.58
C GLU A 31 -3.03 5.82 33.68
N ARG A 32 -2.23 4.90 34.19
CA ARG A 32 -1.81 3.72 33.44
C ARG A 32 -2.80 2.58 33.62
N SER A 33 -2.74 1.62 32.69
CA SER A 33 -3.53 0.39 32.79
C SER A 33 -2.70 -0.78 32.26
N SER A 34 -2.83 -1.93 32.92
CA SER A 34 -2.06 -3.10 32.52
C SER A 34 -2.17 -3.35 31.03
N GLU A 35 -3.39 -3.39 30.52
CA GLU A 35 -3.62 -3.61 29.10
C GLU A 35 -2.96 -2.52 28.26
N ASP A 36 -3.05 -1.29 28.72
CA ASP A 36 -2.40 -0.17 28.03
C ASP A 36 -0.95 -0.53 27.77
N VAL A 37 -0.33 -1.19 28.75
CA VAL A 37 1.06 -1.61 28.63
C VAL A 37 1.19 -2.88 27.79
N ASP A 38 0.25 -3.80 27.96
CA ASP A 38 0.25 -5.05 27.19
C ASP A 38 0.18 -4.75 25.70
N ILE A 39 -0.69 -3.81 25.33
CA ILE A 39 -0.87 -3.43 23.93
C ILE A 39 0.40 -2.78 23.39
N ILE A 40 0.74 -1.64 23.98
CA ILE A 40 1.94 -0.89 23.58
C ILE A 40 3.15 -1.81 23.46
N PHE A 41 3.39 -2.61 24.51
CA PHE A 41 4.52 -3.52 24.57
C PHE A 41 4.51 -4.43 23.34
N THR A 42 3.32 -4.87 22.95
CA THR A 42 3.17 -5.76 21.80
C THR A 42 3.64 -5.05 20.53
N ARG A 43 3.57 -3.72 20.57
CA ARG A 43 3.97 -2.88 19.44
C ARG A 43 5.47 -2.60 19.53
N LEU A 44 5.90 -2.13 20.70
CA LEU A 44 7.28 -1.71 20.94
C LEU A 44 8.29 -2.84 20.76
N LYS A 45 7.94 -4.05 21.18
CA LYS A 45 8.89 -5.18 21.11
C LYS A 45 9.54 -5.25 19.73
N GLY A 46 8.87 -4.72 18.72
CA GLY A 46 9.37 -4.77 17.37
C GLY A 46 10.18 -3.56 16.91
N VAL A 47 11.11 -3.11 17.74
CA VAL A 47 12.00 -2.01 17.38
C VAL A 47 13.45 -2.46 17.53
N LYS A 48 14.31 -2.11 16.58
CA LYS A 48 15.70 -2.57 16.58
C LYS A 48 16.47 -2.11 17.83
N ALA A 49 16.04 -1.01 18.43
CA ALA A 49 16.73 -0.47 19.60
C ALA A 49 16.13 -1.01 20.90
N PHE A 50 15.27 -2.01 20.79
CA PHE A 50 14.72 -2.67 21.96
C PHE A 50 15.01 -4.16 21.95
N GLU A 51 15.57 -4.64 20.84
CA GLU A 51 15.78 -6.07 20.66
C GLU A 51 16.53 -6.72 21.81
N LYS A 52 17.67 -6.16 22.21
CA LYS A 52 18.44 -6.73 23.31
C LYS A 52 17.84 -6.38 24.67
N PHE A 53 16.63 -5.85 24.68
CA PHE A 53 16.01 -5.43 25.93
C PHE A 53 15.29 -6.54 26.67
N HIS A 54 15.62 -6.65 27.96
CA HIS A 54 14.93 -7.55 28.86
C HIS A 54 13.47 -7.10 28.94
N PRO A 55 12.53 -8.06 29.01
CA PRO A 55 11.11 -7.70 29.09
C PRO A 55 10.79 -6.63 30.13
N ASN A 56 11.35 -6.78 31.33
CA ASN A 56 11.08 -5.84 32.41
C ASN A 56 11.45 -4.41 32.02
N LEU A 57 12.55 -4.26 31.30
CA LEU A 57 12.97 -2.94 30.84
C LEU A 57 11.94 -2.34 29.90
N LEU A 58 11.54 -3.13 28.90
CA LEU A 58 10.59 -2.67 27.90
C LEU A 58 9.28 -2.22 28.54
N ARG A 59 8.80 -2.96 29.53
CA ARG A 59 7.61 -2.54 30.28
C ARG A 59 7.84 -1.17 30.90
N GLN A 60 8.88 -1.04 31.72
CA GLN A 60 9.24 0.22 32.33
C GLN A 60 9.12 1.37 31.34
N ILE A 61 9.65 1.14 30.13
CA ILE A 61 9.59 2.12 29.05
C ILE A 61 8.13 2.39 28.69
N CYS A 62 7.35 1.32 28.57
CA CYS A 62 5.94 1.42 28.23
C CYS A 62 5.18 2.27 29.27
N LEU A 63 5.61 2.21 30.53
CA LEU A 63 4.92 2.96 31.59
C LEU A 63 5.22 4.46 31.58
N CYS A 64 6.39 4.85 31.07
CA CYS A 64 6.81 6.25 31.15
C CYS A 64 7.05 6.87 29.78
N GLY A 65 6.79 6.13 28.71
CA GLY A 65 7.07 6.61 27.38
C GLY A 65 6.02 7.50 26.75
N TYR A 66 6.40 8.70 26.36
CA TYR A 66 5.51 9.60 25.67
C TYR A 66 5.55 9.38 24.16
N TYR A 67 4.49 9.83 23.49
CA TYR A 67 4.38 9.68 22.04
C TYR A 67 4.51 11.03 21.36
N GLU A 68 5.26 11.06 20.26
CA GLU A 68 5.45 12.28 19.49
C GLU A 68 5.19 12.00 18.02
N ASN A 69 4.23 12.72 17.46
CA ASN A 69 3.97 12.67 16.02
C ASN A 69 4.38 14.01 15.42
N LEU A 70 5.63 14.11 14.98
CA LEU A 70 6.14 15.37 14.44
C LEU A 70 5.89 15.49 12.94
N GLU A 71 5.89 16.73 12.48
CA GLU A 71 5.73 17.01 11.07
C GLU A 71 7.11 17.29 10.46
N LYS A 72 7.22 17.17 9.14
CA LYS A 72 8.47 17.42 8.44
C LYS A 72 9.02 18.80 8.80
N GLY A 73 10.33 18.87 9.00
CA GLY A 73 10.99 20.14 9.26
C GLY A 73 10.90 20.65 10.69
N ILE A 74 10.64 19.77 11.64
CA ILE A 74 10.67 20.17 13.04
C ILE A 74 12.02 19.85 13.69
N THR A 75 12.52 20.77 14.52
CA THR A 75 13.77 20.57 15.25
C THR A 75 13.48 20.22 16.71
N LEU A 76 13.92 19.04 17.17
CA LEU A 76 13.70 18.62 18.55
C LEU A 76 14.59 19.37 19.49
N PHE A 77 15.78 19.70 19.01
CA PHE A 77 16.74 20.45 19.80
C PHE A 77 17.90 20.85 18.91
N ARG A 78 18.64 21.87 19.34
CA ARG A 78 19.78 22.34 18.56
C ARG A 78 21.09 22.04 19.26
N GLN A 79 22.11 21.84 18.44
CA GLN A 79 23.48 21.69 18.93
C GLN A 79 23.74 22.76 19.98
N GLY A 80 24.08 22.33 21.18
CA GLY A 80 24.40 23.29 22.22
C GLY A 80 23.39 23.35 23.34
N ASP A 81 22.12 23.14 23.03
CA ASP A 81 21.06 23.20 24.03
C ASP A 81 21.26 22.16 25.13
N ILE A 82 20.53 22.32 26.23
CA ILE A 82 20.44 21.30 27.26
C ILE A 82 19.38 20.28 26.84
N GLY A 83 19.76 19.02 26.79
CA GLY A 83 18.82 17.98 26.39
C GLY A 83 17.94 17.52 27.53
N THR A 84 16.71 17.13 27.21
CA THR A 84 15.74 16.81 28.26
C THR A 84 15.08 15.45 28.05
N ASN A 85 15.27 14.84 26.89
CA ASN A 85 14.66 13.54 26.63
C ASN A 85 15.57 12.62 25.83
N TRP A 86 15.25 11.33 25.89
CA TRP A 86 15.86 10.30 25.05
C TRP A 86 14.78 9.81 24.09
N TYR A 87 15.16 9.50 22.85
CA TYR A 87 14.18 9.20 21.83
C TYR A 87 14.43 7.89 21.12
N ALA A 88 13.34 7.30 20.64
CA ALA A 88 13.38 6.13 19.78
C ALA A 88 12.41 6.38 18.63
N VAL A 89 12.86 6.15 17.41
CA VAL A 89 12.01 6.43 16.27
C VAL A 89 11.17 5.23 15.84
N LEU A 90 9.85 5.42 15.89
CA LEU A 90 8.87 4.40 15.53
C LEU A 90 8.56 4.49 14.03
N ALA A 91 8.58 5.71 13.51
CA ALA A 91 8.33 5.93 12.08
C ALA A 91 8.95 7.24 11.60
N GLY A 92 9.36 7.27 10.33
CA GLY A 92 9.95 8.47 9.77
C GLY A 92 11.48 8.46 9.74
N SER A 93 12.07 9.65 9.74
CA SER A 93 13.52 9.82 9.74
C SER A 93 13.90 11.23 10.22
N LEU A 94 15.13 11.38 10.71
CA LEU A 94 15.63 12.69 11.13
C LEU A 94 17.07 12.92 10.67
N ASP A 95 17.37 14.17 10.31
CA ASP A 95 18.73 14.56 9.97
C ASP A 95 19.51 15.01 11.21
N VAL A 96 20.79 14.69 11.22
CA VAL A 96 21.69 15.13 12.28
C VAL A 96 22.62 16.18 11.72
N LYS A 97 22.53 17.39 12.26
CA LYS A 97 23.35 18.48 11.75
C LYS A 97 24.35 18.92 12.81
N VAL A 98 25.58 19.17 12.38
CA VAL A 98 26.61 19.68 13.28
C VAL A 98 27.30 20.87 12.64
N SER A 99 27.60 21.87 13.46
CA SER A 99 28.34 23.03 13.00
C SER A 99 29.67 23.04 13.70
N GLU A 100 30.70 23.52 13.00
CA GLU A 100 32.03 23.54 13.58
C GLU A 100 32.33 24.95 14.06
N THR A 101 31.29 25.78 14.06
CA THR A 101 31.37 27.16 14.51
C THR A 101 30.25 27.44 15.50
N SER A 102 30.21 28.67 16.00
CA SER A 102 29.17 29.10 16.92
C SER A 102 27.97 29.66 16.16
N SER A 103 27.71 29.09 14.98
CA SER A 103 26.59 29.52 14.16
C SER A 103 25.86 28.32 13.55
N HIS A 104 24.58 28.16 13.90
CA HIS A 104 23.80 27.02 13.42
C HIS A 104 23.54 27.06 11.93
N GLN A 105 23.94 28.15 11.27
CA GLN A 105 23.74 28.27 9.84
C GLN A 105 24.84 27.47 9.12
N ASP A 106 25.95 27.24 9.83
CA ASP A 106 27.08 26.52 9.27
C ASP A 106 26.92 25.02 9.43
N ALA A 107 25.93 24.61 10.22
CA ALA A 107 25.69 23.19 10.51
C ALA A 107 25.40 22.40 9.24
N VAL A 108 26.00 21.22 9.12
CA VAL A 108 25.74 20.36 7.98
C VAL A 108 25.17 19.03 8.45
N THR A 109 24.42 18.37 7.57
CA THR A 109 23.86 17.05 7.87
C THR A 109 24.95 16.00 7.71
N ILE A 110 25.22 15.23 8.77
CA ILE A 110 26.25 14.21 8.70
C ILE A 110 25.61 12.84 8.50
N CYS A 111 24.42 12.65 9.05
CA CYS A 111 23.76 11.35 8.93
C CYS A 111 22.25 11.44 9.10
N THR A 112 21.57 10.33 8.83
CA THR A 112 20.13 10.26 8.93
C THR A 112 19.71 9.07 9.78
N LEU A 113 18.79 9.32 10.69
CA LEU A 113 18.29 8.31 11.61
C LEU A 113 16.88 7.94 11.22
N GLY A 114 16.66 6.64 11.02
CA GLY A 114 15.34 6.15 10.66
C GLY A 114 14.72 5.25 11.71
N ILE A 115 13.71 4.48 11.31
CA ILE A 115 12.97 3.64 12.25
C ILE A 115 13.87 2.72 13.06
N GLY A 116 13.55 2.59 14.34
CA GLY A 116 14.27 1.66 15.19
C GLY A 116 15.53 2.21 15.82
N THR A 117 16.01 3.34 15.33
CA THR A 117 17.21 3.94 15.88
C THR A 117 16.88 4.83 17.07
N ALA A 118 17.80 4.94 18.01
CA ALA A 118 17.56 5.72 19.21
C ALA A 118 18.68 6.75 19.44
N PHE A 119 18.34 7.85 20.11
CA PHE A 119 19.30 8.91 20.34
C PHE A 119 18.90 9.75 21.54
N GLY A 120 19.83 10.57 22.03
CA GLY A 120 19.51 11.47 23.12
C GLY A 120 20.15 11.12 24.45
N GLU A 121 20.91 10.03 24.51
CA GLU A 121 21.41 9.56 25.80
C GLU A 121 22.47 10.45 26.44
N SER A 122 22.89 11.50 25.75
CA SER A 122 23.85 12.43 26.35
C SER A 122 23.27 13.05 27.62
N ILE A 123 21.93 13.06 27.74
CA ILE A 123 21.28 13.58 28.93
C ILE A 123 21.67 12.80 30.19
N LEU A 124 22.23 11.61 30.01
CA LEU A 124 22.63 10.76 31.14
C LEU A 124 23.65 11.41 32.06
N ASP A 125 24.46 12.32 31.52
CA ASP A 125 25.45 13.01 32.34
C ASP A 125 25.36 14.53 32.15
N ASN A 126 24.21 14.97 31.63
CA ASN A 126 23.92 16.38 31.37
C ASN A 126 24.90 17.04 30.40
N THR A 127 25.19 16.37 29.28
CA THR A 127 26.05 16.95 28.25
C THR A 127 25.22 17.75 27.22
N PRO A 128 25.61 18.99 26.95
CA PRO A 128 24.87 19.78 25.97
C PRO A 128 24.82 19.03 24.63
N ARG A 129 23.70 19.12 23.93
CA ARG A 129 23.48 18.36 22.71
C ARG A 129 24.65 18.53 21.72
N HIS A 130 25.15 17.41 21.20
CA HIS A 130 26.22 17.46 20.22
C HIS A 130 25.77 17.98 18.88
N ALA A 131 24.47 17.88 18.59
CA ALA A 131 23.98 18.16 17.25
C ALA A 131 22.55 18.70 17.24
N THR A 132 22.20 19.33 16.12
CA THR A 132 20.84 19.75 15.89
C THR A 132 20.13 18.66 15.08
N ILE A 133 19.00 18.18 15.61
CA ILE A 133 18.28 17.10 14.96
C ILE A 133 16.92 17.58 14.44
N VAL A 134 16.64 17.27 13.18
CA VAL A 134 15.44 17.78 12.54
C VAL A 134 14.69 16.67 11.82
N THR A 135 13.39 16.60 12.02
CA THR A 135 12.59 15.63 11.27
C THR A 135 12.75 15.90 9.78
N ARG A 136 12.95 14.82 9.04
CA ARG A 136 13.21 14.92 7.61
C ARG A 136 11.89 14.70 6.88
N GLU A 137 10.90 14.29 7.65
CA GLU A 137 9.59 13.88 7.16
C GLU A 137 8.70 13.67 8.38
N SER A 138 7.41 13.45 8.14
CA SER A 138 6.47 13.14 9.21
C SER A 138 7.02 11.97 10.04
N SER A 139 7.22 12.18 11.33
CA SER A 139 7.88 11.17 12.15
C SER A 139 7.13 10.89 13.44
N GLU A 140 7.24 9.64 13.88
CA GLU A 140 6.65 9.22 15.16
C GLU A 140 7.77 8.75 16.09
N LEU A 141 7.84 9.34 17.28
CA LEU A 141 8.93 9.07 18.18
C LEU A 141 8.38 8.61 19.53
N LEU A 142 9.21 7.88 20.27
CA LEU A 142 8.93 7.56 21.66
C LEU A 142 9.86 8.43 22.51
N ARG A 143 9.29 9.22 23.41
CA ARG A 143 10.08 10.18 24.16
C ARG A 143 10.14 9.77 25.62
N ILE A 144 11.36 9.72 26.16
CA ILE A 144 11.55 9.39 27.58
C ILE A 144 12.26 10.53 28.29
N GLU A 145 11.60 11.09 29.29
CA GLU A 145 12.14 12.26 30.00
C GLU A 145 13.35 11.89 30.83
N GLN A 146 14.29 12.82 30.89
CA GLN A 146 15.60 12.60 31.48
C GLN A 146 15.55 11.76 32.75
N GLU A 147 14.72 12.17 33.69
CA GLU A 147 14.69 11.51 34.99
C GLU A 147 14.27 10.05 34.87
N ASP A 148 13.28 9.76 34.01
CA ASP A 148 12.85 8.37 33.82
C ASP A 148 13.97 7.54 33.22
N PHE A 149 14.74 8.16 32.33
CA PHE A 149 15.78 7.46 31.59
C PHE A 149 17.01 7.20 32.48
N LYS A 150 17.48 8.23 33.19
CA LYS A 150 18.55 8.03 34.18
C LYS A 150 18.22 6.88 35.12
N ALA A 151 16.94 6.71 35.42
CA ALA A 151 16.48 5.67 36.35
C ALA A 151 16.53 4.30 35.68
N LEU A 152 16.07 4.22 34.44
CA LEU A 152 16.08 2.96 33.73
C LEU A 152 17.51 2.50 33.45
N TRP A 153 18.41 3.47 33.29
CA TRP A 153 19.79 3.18 32.92
C TRP A 153 20.58 2.65 34.11
N GLU A 154 20.44 3.29 35.27
CA GLU A 154 21.12 2.79 36.45
C GLU A 154 20.63 1.38 36.78
N LYS A 155 19.35 1.13 36.49
CA LYS A 155 18.74 -0.15 36.83
C LYS A 155 19.07 -1.24 35.83
N TYR A 156 19.09 -0.89 34.54
CA TYR A 156 19.26 -1.89 33.48
C TYR A 156 20.47 -1.61 32.59
N ARG A 157 21.45 -0.91 33.13
CA ARG A 157 22.63 -0.51 32.35
C ARG A 157 23.21 -1.64 31.51
N GLN A 158 23.35 -2.82 32.11
CA GLN A 158 23.97 -3.93 31.41
C GLN A 158 23.21 -4.32 30.16
N TYR A 159 21.91 -4.13 30.16
CA TYR A 159 21.08 -4.48 29.01
C TYR A 159 21.12 -3.37 27.95
N MET A 160 21.73 -2.24 28.28
CA MET A 160 21.73 -1.10 27.37
C MET A 160 23.11 -0.79 26.79
N ALA A 161 24.15 -1.45 27.32
CA ALA A 161 25.52 -1.17 26.92
C ALA A 161 25.72 -1.28 25.41
N GLY A 162 25.01 -2.22 24.79
CA GLY A 162 25.14 -2.42 23.34
C GLY A 162 24.43 -1.37 22.51
N LEU A 163 23.45 -0.70 23.12
CA LEU A 163 22.61 0.26 22.42
C LEU A 163 23.13 1.68 22.52
N LEU A 164 23.60 2.05 23.71
CA LEU A 164 23.97 3.43 23.95
C LEU A 164 25.40 3.72 23.50
N ALA A 165 25.62 4.94 23.02
CA ALA A 165 26.94 5.37 22.62
C ALA A 165 27.84 5.57 23.84
N PRO A 166 29.16 5.46 23.65
CA PRO A 166 30.04 5.68 24.79
C PRO A 166 29.94 7.16 25.18
N PRO A 167 30.22 7.49 26.45
CA PRO A 167 30.65 6.62 27.54
C PRO A 167 29.53 5.82 28.17
N TYR A 168 28.31 5.99 27.68
CA TYR A 168 27.16 5.41 28.39
C TYR A 168 27.04 3.92 28.11
N GLY A 169 27.31 3.52 26.87
CA GLY A 169 27.41 2.11 26.53
C GLY A 169 28.77 1.80 25.94
N VAL A 170 29.00 0.57 25.51
CA VAL A 170 30.29 0.19 24.92
C VAL A 170 30.39 0.76 23.50
N MET A 171 31.61 0.90 23.00
CA MET A 171 31.75 1.43 21.64
C MET A 171 31.51 0.36 20.59
N GLU A 172 32.25 -0.74 20.70
CA GLU A 172 32.16 -1.84 19.75
C GLU A 172 31.45 -3.04 20.38
N THR A 173 30.52 -3.63 19.65
CA THR A 173 29.84 -4.83 20.10
C THR A 173 30.25 -6.02 19.22
N GLY A 174 31.37 -5.84 18.52
CA GLY A 174 31.87 -6.87 17.63
C GLY A 174 32.73 -7.94 18.29
N SER A 175 33.56 -8.60 17.50
CA SER A 175 34.38 -9.71 17.98
C SER A 175 35.20 -9.36 19.22
N ASN A 176 35.87 -8.21 19.19
CA ASN A 176 36.65 -7.74 20.34
C ASN A 176 35.80 -7.76 21.61
N ASN A 177 35.98 -8.82 22.40
CA ASN A 177 35.18 -9.09 23.60
C ASN A 177 34.21 -7.96 23.92
N GLU A 184 31.64 -18.32 15.74
CA GLU A 184 30.51 -18.11 14.87
C GLU A 184 30.89 -18.26 13.41
N ASN A 185 30.06 -18.98 12.65
CA ASN A 185 30.32 -19.21 11.24
C ASN A 185 29.17 -18.65 10.40
N VAL A 186 29.22 -18.91 9.09
CA VAL A 186 28.26 -18.35 8.15
C VAL A 186 26.81 -18.83 8.33
N PRO A 187 26.59 -20.07 8.82
CA PRO A 187 25.19 -20.50 8.96
C PRO A 187 24.46 -19.83 10.13
N SER A 188 23.17 -19.55 9.91
CA SER A 188 22.31 -19.00 10.96
C SER A 188 21.30 -20.07 11.35
N GLU A 189 20.46 -19.75 12.32
CA GLU A 189 19.58 -20.75 12.89
C GLU A 189 18.41 -21.09 11.95
N LYS A 190 17.67 -20.08 11.51
CA LYS A 190 16.46 -20.32 10.75
C LYS A 190 16.77 -20.81 9.33
N ILE A 191 17.90 -20.36 8.78
CA ILE A 191 18.32 -20.77 7.44
C ILE A 191 18.96 -22.15 7.44
N LEU A 192 19.62 -22.52 8.53
CA LEU A 192 20.14 -23.87 8.65
C LEU A 192 18.94 -24.81 8.75
N ARG A 193 17.91 -24.32 9.43
CA ARG A 193 16.67 -25.05 9.60
C ARG A 193 16.01 -25.20 8.24
N ALA A 194 15.80 -24.06 7.58
CA ALA A 194 15.16 -24.01 6.27
C ALA A 194 15.79 -25.02 5.31
N GLY A 195 17.12 -25.04 5.25
CA GLY A 195 17.81 -25.99 4.41
C GLY A 195 17.50 -27.43 4.75
N LYS A 196 17.24 -27.69 6.03
CA LYS A 196 16.92 -29.03 6.50
C LYS A 196 15.53 -29.43 6.04
N ILE A 197 14.55 -28.55 6.26
CA ILE A 197 13.18 -28.83 5.84
C ILE A 197 13.16 -29.17 4.35
N LEU A 198 13.76 -28.31 3.54
CA LEU A 198 13.74 -28.48 2.09
C LEU A 198 14.37 -29.80 1.66
N ARG A 199 15.55 -30.14 2.19
CA ARG A 199 16.22 -31.38 1.81
C ARG A 199 15.32 -32.56 2.14
N ILE A 200 14.58 -32.45 3.24
CA ILE A 200 13.69 -33.52 3.65
C ILE A 200 12.52 -33.66 2.68
N ALA A 201 11.99 -32.54 2.23
CA ALA A 201 10.89 -32.54 1.27
C ALA A 201 11.34 -33.11 -0.06
N ILE A 202 12.53 -32.74 -0.50
CA ILE A 202 13.07 -33.28 -1.74
C ILE A 202 13.23 -34.80 -1.63
N LEU A 203 14.03 -35.26 -0.68
CA LEU A 203 14.20 -36.70 -0.45
C LEU A 203 12.85 -37.42 -0.39
N SER A 204 11.86 -36.80 0.24
CA SER A 204 10.54 -37.41 0.33
C SER A 204 9.81 -37.40 -1.00
N ARG A 205 9.81 -36.25 -1.67
CA ARG A 205 8.93 -36.00 -2.81
C ARG A 205 9.59 -36.28 -4.16
N ALA A 206 10.90 -36.06 -4.24
CA ALA A 206 11.64 -36.18 -5.48
C ALA A 206 13.04 -36.72 -5.23
N PRO A 207 13.14 -37.93 -4.68
CA PRO A 207 14.41 -38.56 -4.36
C PRO A 207 15.50 -38.37 -5.42
N HIS A 208 15.13 -38.56 -6.68
CA HIS A 208 16.10 -38.50 -7.77
C HIS A 208 16.91 -37.21 -7.75
N MET A 209 16.34 -36.16 -7.18
CA MET A 209 17.01 -34.86 -7.22
C MET A 209 18.36 -34.82 -6.50
N ILE A 210 18.55 -35.70 -5.51
CA ILE A 210 19.83 -35.77 -4.81
C ILE A 210 20.46 -37.13 -5.05
N ARG A 211 21.57 -37.15 -5.79
CA ARG A 211 22.24 -38.40 -6.11
C ARG A 211 23.64 -38.12 -6.65
N ASP A 212 24.44 -39.17 -6.77
CA ASP A 212 25.74 -39.05 -7.41
C ASP A 212 25.57 -38.68 -8.88
N ARG A 213 26.43 -37.80 -9.39
CA ARG A 213 26.30 -37.29 -10.74
C ARG A 213 27.67 -37.29 -11.44
N LYS A 214 27.72 -37.73 -12.68
CA LYS A 214 28.99 -37.79 -13.40
C LYS A 214 29.14 -36.61 -14.35
N TYR A 215 30.38 -36.14 -14.49
CA TYR A 215 30.69 -35.03 -15.37
C TYR A 215 32.20 -35.05 -15.65
N HIS A 216 32.57 -35.34 -16.89
CA HIS A 216 33.97 -35.49 -17.28
C HIS A 216 34.73 -36.45 -16.36
N LEU A 217 34.28 -37.70 -16.33
CA LEU A 217 34.96 -38.76 -15.58
C LEU A 217 34.80 -38.66 -14.06
N LYS A 218 35.00 -37.46 -13.50
CA LYS A 218 34.80 -37.27 -12.07
C LYS A 218 33.32 -37.31 -11.71
N THR A 219 33.01 -37.95 -10.59
CA THR A 219 31.63 -38.05 -10.16
C THR A 219 31.44 -37.23 -8.89
N TYR A 220 30.38 -36.44 -8.85
CA TYR A 220 30.08 -35.59 -7.71
C TYR A 220 29.00 -36.27 -6.87
N ARG A 221 29.34 -36.61 -5.63
CA ARG A 221 28.47 -37.40 -4.77
C ARG A 221 27.30 -36.61 -4.18
N GLN A 222 26.15 -37.26 -4.09
CA GLN A 222 24.93 -36.72 -3.47
C GLN A 222 24.77 -35.20 -3.62
N CYS A 223 24.52 -34.75 -4.85
CA CYS A 223 24.34 -33.32 -5.12
C CYS A 223 23.15 -33.07 -6.03
N CYS A 224 22.83 -31.78 -6.21
CA CYS A 224 21.65 -31.36 -6.95
C CYS A 224 22.07 -30.49 -8.14
N VAL A 225 21.15 -30.29 -9.09
CA VAL A 225 21.42 -29.43 -10.23
C VAL A 225 20.61 -28.15 -10.10
N GLY A 226 21.24 -27.02 -10.38
CA GLY A 226 20.61 -25.73 -10.22
C GLY A 226 19.25 -25.62 -10.87
N THR A 227 19.22 -25.80 -12.19
CA THR A 227 17.97 -25.73 -12.92
C THR A 227 16.93 -26.61 -12.25
N GLU A 228 17.36 -27.74 -11.71
CA GLU A 228 16.41 -28.70 -11.16
C GLU A 228 15.83 -28.22 -9.83
N LEU A 229 16.68 -27.69 -8.94
CA LEU A 229 16.17 -27.06 -7.71
C LEU A 229 15.19 -25.94 -8.07
N VAL A 230 15.46 -25.22 -9.14
CA VAL A 230 14.55 -24.19 -9.59
C VAL A 230 13.24 -24.82 -10.02
N ASP A 231 13.32 -25.83 -10.89
CA ASP A 231 12.15 -26.57 -11.33
C ASP A 231 11.30 -26.96 -10.13
N TRP A 232 11.94 -27.62 -9.16
CA TRP A 232 11.22 -28.19 -8.02
C TRP A 232 10.53 -27.13 -7.16
N MET A 233 11.25 -26.07 -6.81
CA MET A 233 10.70 -25.01 -5.97
C MET A 233 9.47 -24.38 -6.60
N ILE A 234 9.48 -24.29 -7.93
CA ILE A 234 8.33 -23.79 -8.67
C ILE A 234 7.12 -24.73 -8.54
N GLN A 235 7.35 -26.03 -8.61
CA GLN A 235 6.26 -26.99 -8.49
C GLN A 235 5.66 -27.03 -7.08
N GLN A 236 6.51 -26.90 -6.06
CA GLN A 236 6.07 -27.18 -4.69
C GLN A 236 5.25 -26.08 -4.04
N THR A 237 5.20 -24.89 -4.64
CA THR A 237 4.53 -23.79 -3.97
C THR A 237 4.00 -22.75 -4.92
N SER A 238 2.96 -22.05 -4.48
CA SER A 238 2.29 -21.07 -5.31
C SER A 238 2.82 -19.66 -5.08
N CYS A 239 3.72 -19.49 -4.12
CA CYS A 239 4.24 -18.16 -3.83
C CYS A 239 5.47 -17.83 -4.69
N VAL A 240 5.79 -18.72 -5.62
CA VAL A 240 6.93 -18.53 -6.49
C VAL A 240 6.44 -18.42 -7.94
N HIS A 241 6.76 -17.32 -8.59
CA HIS A 241 6.16 -17.03 -9.89
C HIS A 241 7.15 -17.03 -11.05
N SER A 242 8.42 -17.26 -10.78
CA SER A 242 9.39 -17.22 -11.86
C SER A 242 10.69 -17.89 -11.47
N ARG A 243 11.47 -18.28 -12.47
CA ARG A 243 12.76 -18.91 -12.22
C ARG A 243 13.71 -17.91 -11.56
N THR A 244 13.59 -16.66 -11.95
CA THR A 244 14.38 -15.60 -11.35
C THR A 244 14.07 -15.49 -9.85
N GLN A 245 12.80 -15.58 -9.49
CA GLN A 245 12.43 -15.48 -8.08
C GLN A 245 13.00 -16.70 -7.33
N ALA A 246 12.86 -17.87 -7.93
CA ALA A 246 13.46 -19.09 -7.40
C ALA A 246 14.97 -18.90 -7.11
N VAL A 247 15.69 -18.32 -8.06
CA VAL A 247 17.13 -18.10 -7.91
C VAL A 247 17.42 -17.34 -6.63
N GLY A 248 16.80 -16.18 -6.49
CA GLY A 248 16.94 -15.42 -5.27
C GLY A 248 16.73 -16.24 -4.00
N MET A 249 15.67 -17.06 -4.00
CA MET A 249 15.34 -17.84 -2.82
C MET A 249 16.39 -18.89 -2.46
N TRP A 250 16.95 -19.57 -3.45
CA TRP A 250 18.03 -20.52 -3.19
C TRP A 250 19.30 -19.79 -2.78
N GLN A 251 19.53 -18.60 -3.35
CA GLN A 251 20.69 -17.79 -3.02
C GLN A 251 20.72 -17.42 -1.54
N VAL A 252 19.56 -17.42 -0.91
CA VAL A 252 19.49 -17.25 0.54
C VAL A 252 20.31 -18.33 1.24
N LEU A 253 20.13 -19.57 0.81
CA LEU A 253 20.84 -20.69 1.42
C LEU A 253 22.30 -20.74 1.02
N LEU A 254 22.61 -20.29 -0.19
CA LEU A 254 23.98 -20.36 -0.67
C LEU A 254 24.90 -19.31 -0.03
N GLU A 255 24.42 -18.07 0.11
CA GLU A 255 25.24 -17.04 0.74
C GLU A 255 25.49 -17.41 2.21
N ASP A 256 24.52 -18.08 2.80
CA ASP A 256 24.60 -18.52 4.19
C ASP A 256 25.39 -19.84 4.33
N GLY A 257 25.67 -20.48 3.21
CA GLY A 257 26.46 -21.70 3.25
C GLY A 257 25.74 -22.93 3.77
N VAL A 258 24.43 -23.01 3.53
CA VAL A 258 23.69 -24.21 3.91
C VAL A 258 23.47 -25.09 2.67
N LEU A 259 23.66 -24.47 1.51
CA LEU A 259 23.65 -25.16 0.22
C LEU A 259 24.83 -24.63 -0.58
N ASN A 260 25.75 -25.51 -0.91
CA ASN A 260 27.03 -25.06 -1.44
C ASN A 260 27.32 -25.63 -2.82
N HIS A 261 27.82 -24.75 -3.69
CA HIS A 261 28.33 -25.14 -4.99
C HIS A 261 29.59 -25.97 -4.82
N VAL A 262 29.63 -27.15 -5.43
CA VAL A 262 30.76 -28.05 -5.31
C VAL A 262 32.11 -27.41 -5.64
N ASP A 263 32.09 -26.28 -6.35
CA ASP A 263 33.33 -25.57 -6.68
C ASP A 263 33.39 -24.20 -6.02
N GLN A 264 32.48 -23.96 -5.07
CA GLN A 264 32.58 -22.82 -4.16
C GLN A 264 32.28 -21.44 -4.78
N GLU A 265 31.45 -21.39 -5.82
CA GLU A 265 31.00 -20.09 -6.35
C GLU A 265 30.13 -19.39 -5.32
N ARG A 266 30.27 -18.07 -5.24
CA ARG A 266 29.58 -17.25 -4.25
C ARG A 266 28.10 -17.11 -4.57
N HIS A 267 27.72 -17.45 -5.80
CA HIS A 267 26.35 -17.21 -6.26
C HIS A 267 25.66 -18.44 -6.83
N PHE A 268 24.36 -18.54 -6.56
CA PHE A 268 23.54 -19.61 -7.12
C PHE A 268 23.09 -19.23 -8.53
N GLN A 269 23.06 -20.22 -9.42
CA GLN A 269 22.68 -19.97 -10.80
C GLN A 269 21.72 -21.02 -11.33
N ASP A 270 20.76 -20.57 -12.12
CA ASP A 270 19.81 -21.46 -12.76
C ASP A 270 20.52 -22.09 -13.95
N LYS A 271 21.41 -23.02 -13.68
CA LYS A 271 22.22 -23.66 -14.71
C LYS A 271 22.53 -25.09 -14.36
N TYR A 272 23.20 -25.79 -15.27
CA TYR A 272 23.59 -27.16 -15.00
C TYR A 272 24.85 -27.14 -14.16
N LEU A 273 24.69 -26.81 -12.88
CA LEU A 273 25.79 -26.74 -11.93
C LEU A 273 25.39 -27.50 -10.68
N PHE A 274 26.34 -28.22 -10.09
CA PHE A 274 26.04 -29.09 -8.96
C PHE A 274 26.17 -28.35 -7.62
N TYR A 275 25.19 -28.56 -6.75
CA TYR A 275 25.18 -28.00 -5.42
C TYR A 275 24.90 -29.10 -4.41
N ARG A 276 25.35 -28.92 -3.18
CA ARG A 276 25.16 -29.95 -2.17
C ARG A 276 24.59 -29.38 -0.88
N PHE A 277 23.61 -30.08 -0.30
CA PHE A 277 23.13 -29.74 1.02
C PHE A 277 24.15 -30.09 2.10
N LEU A 278 24.33 -29.16 3.03
CA LEU A 278 25.29 -29.29 4.12
C LEU A 278 25.22 -30.68 4.76
N ASP A 279 24.00 -31.17 5.03
CA ASP A 279 23.80 -32.51 5.59
C ASP A 279 24.42 -33.61 4.74
N ASP A 280 24.47 -33.41 3.43
CA ASP A 280 25.01 -34.43 2.54
C ASP A 280 26.51 -34.29 2.42
N GLU A 281 27.09 -33.44 3.27
CA GLU A 281 28.53 -33.21 3.20
C GLU A 281 29.25 -34.40 3.87
N ARG A 282 28.58 -35.00 4.85
CA ARG A 282 29.05 -36.24 5.47
C ARG A 282 28.65 -37.47 4.67
N GLU A 283 29.62 -38.33 4.39
CA GLU A 283 29.42 -39.53 3.60
C GLU A 283 28.13 -40.26 3.99
N ASP A 284 28.02 -40.61 5.27
CA ASP A 284 26.90 -41.41 5.76
C ASP A 284 25.78 -40.54 6.33
N ALA A 285 25.09 -39.80 5.45
CA ALA A 285 23.97 -38.97 5.85
C ALA A 285 22.71 -39.81 6.03
N PRO A 286 22.24 -39.97 7.29
CA PRO A 286 21.05 -40.76 7.60
C PRO A 286 19.77 -40.26 6.94
N LEU A 287 18.96 -41.20 6.45
CA LEU A 287 17.70 -40.87 5.81
C LEU A 287 16.78 -40.18 6.80
N PRO A 288 15.76 -39.47 6.31
CA PRO A 288 14.82 -38.78 7.20
C PRO A 288 13.98 -39.77 7.99
N THR A 289 13.64 -39.41 9.23
CA THR A 289 12.76 -40.22 10.06
C THR A 289 11.32 -39.83 9.79
N GLU A 290 10.41 -40.79 9.89
CA GLU A 290 9.00 -40.50 9.62
C GLU A 290 8.52 -39.27 10.38
N GLU A 291 9.13 -39.01 11.53
CA GLU A 291 8.80 -37.82 12.32
C GLU A 291 9.27 -36.57 11.59
N GLU A 292 10.53 -36.58 11.18
CA GLU A 292 11.09 -35.46 10.42
C GLU A 292 10.23 -35.13 9.20
N LYS A 293 9.77 -36.15 8.48
CA LYS A 293 8.95 -35.96 7.30
C LYS A 293 7.63 -35.26 7.63
N LYS A 294 7.03 -35.68 8.74
CA LYS A 294 5.79 -35.08 9.23
C LYS A 294 6.07 -33.66 9.70
N GLU A 295 7.22 -33.48 10.35
CA GLU A 295 7.65 -32.20 10.85
C GLU A 295 7.94 -31.25 9.68
N CYS A 296 8.57 -31.80 8.65
CA CYS A 296 8.87 -31.08 7.42
C CYS A 296 7.60 -30.72 6.68
N ASP A 297 6.69 -31.69 6.58
CA ASP A 297 5.46 -31.53 5.84
C ASP A 297 4.64 -30.37 6.43
N GLU A 298 4.87 -30.10 7.71
CA GLU A 298 4.13 -29.05 8.42
C GLU A 298 4.85 -27.71 8.32
N GLU A 299 6.08 -27.71 7.84
CA GLU A 299 6.87 -26.49 7.82
C GLU A 299 7.24 -26.01 6.42
N LEU A 300 7.13 -26.90 5.43
CA LEU A 300 7.52 -26.56 4.06
C LEU A 300 6.93 -25.21 3.62
N GLN A 301 5.62 -25.07 3.75
CA GLN A 301 4.93 -23.85 3.33
C GLN A 301 5.50 -22.60 3.99
N ASP A 302 5.64 -22.63 5.31
CA ASP A 302 6.16 -21.47 6.04
C ASP A 302 7.64 -21.24 5.76
N THR A 303 8.36 -22.29 5.42
CA THR A 303 9.76 -22.16 5.02
C THR A 303 9.83 -21.41 3.68
N MET A 304 8.99 -21.83 2.73
CA MET A 304 8.93 -21.19 1.43
C MET A 304 8.54 -19.72 1.52
N LEU A 305 7.57 -19.42 2.37
CA LEU A 305 7.14 -18.04 2.54
C LEU A 305 8.32 -17.24 3.11
N LEU A 306 8.97 -17.83 4.10
CA LEU A 306 10.15 -17.22 4.70
C LEU A 306 11.23 -16.89 3.64
N LEU A 307 11.54 -17.86 2.78
CA LEU A 307 12.54 -17.65 1.74
C LEU A 307 12.09 -16.66 0.67
N SER A 308 10.79 -16.54 0.45
CA SER A 308 10.31 -15.61 -0.56
C SER A 308 10.58 -14.19 -0.10
N GLN A 309 10.50 -13.97 1.21
CA GLN A 309 10.70 -12.64 1.81
C GLN A 309 12.18 -12.26 1.93
N MET A 310 13.03 -13.24 2.18
CA MET A 310 14.47 -13.01 2.25
C MET A 310 15.12 -13.01 0.87
N GLY A 311 14.43 -13.61 -0.10
CA GLY A 311 15.01 -13.81 -1.42
C GLY A 311 15.29 -12.56 -2.24
N PRO A 312 14.36 -11.59 -2.30
CA PRO A 312 14.70 -10.42 -3.11
C PRO A 312 16.02 -9.74 -2.74
N ASP A 313 16.26 -9.47 -1.46
CA ASP A 313 17.45 -8.72 -1.07
C ASP A 313 18.72 -9.54 -1.16
N ALA A 314 18.61 -10.85 -0.99
CA ALA A 314 19.75 -11.73 -1.16
C ALA A 314 20.17 -11.72 -2.63
N HIS A 315 19.19 -11.51 -3.51
CA HIS A 315 19.45 -11.52 -4.94
C HIS A 315 20.10 -10.19 -5.33
N MET A 316 19.55 -9.09 -4.82
CA MET A 316 20.13 -7.76 -5.00
C MET A 316 21.62 -7.77 -4.63
N ARG A 317 21.97 -8.41 -3.53
CA ARG A 317 23.34 -8.46 -3.09
C ARG A 317 24.22 -9.22 -4.07
N MET A 318 23.72 -10.36 -4.53
CA MET A 318 24.47 -11.23 -5.44
C MET A 318 24.78 -10.53 -6.76
N ILE A 319 23.77 -9.94 -7.36
CA ILE A 319 23.94 -9.25 -8.61
C ILE A 319 24.80 -8.01 -8.42
N LEU A 320 24.65 -7.38 -7.27
CA LEU A 320 25.29 -6.13 -6.98
C LEU A 320 26.81 -6.34 -6.90
N ARG A 321 27.22 -7.60 -6.73
CA ARG A 321 28.65 -7.92 -6.68
C ARG A 321 29.26 -7.88 -8.08
N LYS A 322 28.43 -7.63 -9.09
CA LYS A 322 28.92 -7.34 -10.43
C LYS A 322 29.28 -5.86 -10.51
N PRO A 323 30.43 -5.55 -11.13
CA PRO A 323 30.82 -4.14 -11.26
C PRO A 323 29.78 -3.37 -12.05
N PRO A 324 29.50 -2.12 -11.65
CA PRO A 324 28.50 -1.27 -12.31
C PRO A 324 28.43 -1.39 -13.85
N GLY A 325 29.57 -1.28 -14.51
CA GLY A 325 29.58 -1.35 -15.96
C GLY A 325 29.09 -2.67 -16.54
N GLN A 326 29.28 -3.75 -15.79
CA GLN A 326 29.00 -5.10 -16.30
C GLN A 326 27.66 -5.68 -15.89
N ARG A 327 26.65 -4.83 -15.68
CA ARG A 327 25.32 -5.30 -15.30
C ARG A 327 24.36 -5.32 -16.48
N THR A 328 23.64 -6.43 -16.64
CA THR A 328 22.68 -6.58 -17.73
C THR A 328 21.37 -5.92 -17.38
N VAL A 329 20.48 -5.82 -18.36
CA VAL A 329 19.13 -5.29 -18.18
C VAL A 329 18.40 -6.01 -17.04
N ASP A 330 18.56 -7.33 -16.98
CA ASP A 330 17.93 -8.14 -15.96
C ASP A 330 18.51 -7.83 -14.58
N ASP A 331 19.83 -7.86 -14.49
CA ASP A 331 20.55 -7.45 -13.28
C ASP A 331 19.95 -6.15 -12.74
N LEU A 332 19.86 -5.14 -13.60
CA LEU A 332 19.41 -3.82 -13.17
C LEU A 332 17.96 -3.84 -12.67
N GLU A 333 17.14 -4.70 -13.26
CA GLU A 333 15.75 -4.80 -12.86
C GLU A 333 15.65 -5.41 -11.47
N ILE A 334 16.40 -6.49 -11.25
CA ILE A 334 16.43 -7.16 -9.97
C ILE A 334 16.88 -6.17 -8.89
N ILE A 335 17.91 -5.38 -9.20
CA ILE A 335 18.41 -4.37 -8.29
C ILE A 335 17.38 -3.27 -8.11
N TYR A 336 16.86 -2.77 -9.22
CA TYR A 336 15.88 -1.69 -9.14
C TYR A 336 14.69 -2.04 -8.25
N ASP A 337 14.17 -3.26 -8.40
CA ASP A 337 12.97 -3.67 -7.67
C ASP A 337 13.15 -3.63 -6.16
N GLU A 338 14.36 -3.94 -5.70
CA GLU A 338 14.61 -3.96 -4.27
C GLU A 338 14.80 -2.53 -3.71
N LEU A 339 15.45 -1.66 -4.48
CA LEU A 339 15.67 -0.28 -4.05
C LEU A 339 14.36 0.37 -3.62
N LEU A 340 13.29 0.03 -4.34
CA LEU A 340 11.97 0.57 -4.07
C LEU A 340 11.55 0.31 -2.62
N HIS A 341 12.25 -0.60 -1.96
CA HIS A 341 11.91 -0.97 -0.59
C HIS A 341 13.01 -0.59 0.39
N ILE A 342 13.83 0.38 0.00
CA ILE A 342 14.87 0.91 0.87
C ILE A 342 14.51 2.35 1.26
N LYS A 343 14.16 2.55 2.52
CA LYS A 343 13.71 3.85 3.00
C LYS A 343 14.58 5.00 2.51
N ALA A 344 15.90 4.87 2.68
CA ALA A 344 16.83 5.93 2.32
C ALA A 344 16.63 6.43 0.90
N LEU A 345 16.09 5.60 0.02
CA LEU A 345 15.97 5.98 -1.39
C LEU A 345 14.54 6.41 -1.74
N SER A 346 13.66 6.37 -0.75
CA SER A 346 12.25 6.68 -0.94
C SER A 346 12.00 8.02 -1.61
N HIS A 347 12.68 9.06 -1.14
CA HIS A 347 12.42 10.42 -1.63
C HIS A 347 12.97 10.67 -3.03
N LEU A 348 13.77 9.73 -3.54
CA LEU A 348 14.32 9.82 -4.89
C LEU A 348 13.28 9.48 -5.95
N SER A 349 13.48 10.02 -7.15
CA SER A 349 12.57 9.80 -8.26
C SER A 349 12.79 8.42 -8.85
N THR A 350 11.85 8.00 -9.67
CA THR A 350 11.92 6.69 -10.30
C THR A 350 13.12 6.61 -11.24
N THR A 351 13.42 7.75 -11.87
CA THR A 351 14.50 7.82 -12.86
C THR A 351 15.86 7.70 -12.20
N VAL A 352 16.08 8.52 -11.17
CA VAL A 352 17.31 8.45 -10.40
C VAL A 352 17.49 7.04 -9.82
N LYS A 353 16.41 6.43 -9.35
CA LYS A 353 16.48 5.06 -8.83
C LYS A 353 16.88 4.08 -9.92
N ARG A 354 16.28 4.21 -11.11
CA ARG A 354 16.69 3.34 -12.22
C ARG A 354 18.13 3.61 -12.63
N GLU A 355 18.56 4.87 -12.48
CA GLU A 355 19.96 5.23 -12.73
C GLU A 355 20.90 4.64 -11.66
N LEU A 356 20.47 4.70 -10.39
CA LEU A 356 21.29 4.18 -9.30
C LEU A 356 21.61 2.70 -9.42
N ALA A 357 20.66 1.92 -9.89
CA ALA A 357 20.88 0.47 -10.01
C ALA A 357 22.20 0.19 -10.72
N GLY A 358 22.58 1.07 -11.64
CA GLY A 358 23.79 0.85 -12.42
C GLY A 358 25.09 1.35 -11.83
N VAL A 359 25.02 2.19 -10.78
CA VAL A 359 26.22 2.71 -10.15
C VAL A 359 26.42 2.25 -8.70
N LEU A 360 25.32 1.90 -8.01
CA LEU A 360 25.40 1.47 -6.62
C LEU A 360 26.46 0.41 -6.39
N ILE A 361 27.37 0.68 -5.46
CA ILE A 361 28.39 -0.28 -5.10
C ILE A 361 27.99 -0.95 -3.80
N PHE A 362 28.24 -2.26 -3.72
CA PHE A 362 28.00 -3.03 -2.50
C PHE A 362 29.31 -3.29 -1.80
N GLU A 363 29.31 -3.05 -0.50
CA GLU A 363 30.54 -3.09 0.28
C GLU A 363 30.26 -3.71 1.65
N SER A 364 31.08 -4.69 2.03
CA SER A 364 30.91 -5.36 3.30
C SER A 364 32.23 -5.40 4.09
N HIS A 365 32.12 -5.42 5.42
CA HIS A 365 33.32 -5.38 6.26
C HIS A 365 33.20 -6.36 7.39
N ALA A 366 34.28 -7.11 7.63
CA ALA A 366 34.22 -8.24 8.55
C ALA A 366 34.30 -7.85 10.02
N LYS A 367 35.17 -6.90 10.36
CA LYS A 367 35.40 -6.62 11.77
C LYS A 367 34.92 -5.26 12.29
N GLY A 368 34.22 -5.29 13.42
CA GLY A 368 33.93 -4.07 14.12
C GLY A 368 35.21 -3.30 14.39
N GLY A 369 35.11 -2.00 14.62
CA GLY A 369 36.29 -1.20 14.84
C GLY A 369 36.97 -0.74 13.57
N THR A 370 36.51 -1.23 12.43
CA THR A 370 37.09 -0.77 11.18
C THR A 370 36.69 0.68 10.94
N VAL A 371 37.69 1.51 10.67
CA VAL A 371 37.44 2.91 10.35
C VAL A 371 37.07 3.05 8.89
N LEU A 372 35.80 3.32 8.64
CA LEU A 372 35.30 3.45 7.29
C LEU A 372 35.87 4.72 6.66
N PHE A 373 35.78 5.84 7.36
CA PHE A 373 36.49 7.04 6.93
C PHE A 373 36.77 8.01 8.06
N ASN A 374 37.74 8.88 7.86
CA ASN A 374 38.18 9.81 8.90
C ASN A 374 37.71 11.22 8.65
N GLN A 375 37.32 11.89 9.73
CA GLN A 375 36.98 13.31 9.68
C GLN A 375 38.13 14.08 9.06
N GLY A 376 37.81 15.00 8.15
CA GLY A 376 38.84 15.79 7.51
C GLY A 376 39.31 15.26 6.16
N GLU A 377 39.18 13.96 5.94
CA GLU A 377 39.54 13.35 4.66
C GLU A 377 38.64 13.87 3.55
N GLU A 378 39.01 13.60 2.32
CA GLU A 378 38.21 13.99 1.16
C GLU A 378 36.91 13.19 1.16
N GLY A 379 35.78 13.89 1.01
CA GLY A 379 34.49 13.22 0.93
C GLY A 379 34.24 12.53 -0.40
N THR A 380 34.29 11.20 -0.38
CA THR A 380 34.10 10.40 -1.60
C THR A 380 32.66 9.92 -1.81
N SER A 381 32.13 9.17 -0.83
CA SER A 381 30.92 8.38 -1.06
C SER A 381 29.77 8.64 -0.09
N TRP A 382 28.55 8.33 -0.55
CA TRP A 382 27.36 8.32 0.31
C TRP A 382 27.09 6.87 0.67
N TYR A 383 26.83 6.60 1.94
CA TYR A 383 26.59 5.23 2.38
C TYR A 383 25.21 5.04 2.94
N ILE A 384 24.71 3.83 2.77
CA ILE A 384 23.45 3.38 3.35
C ILE A 384 23.69 2.02 4.00
N ILE A 385 23.33 1.89 5.26
CA ILE A 385 23.62 0.67 6.01
C ILE A 385 22.59 -0.42 5.71
N LEU A 386 23.05 -1.52 5.10
CA LEU A 386 22.17 -2.65 4.81
C LEU A 386 22.18 -3.64 5.96
N LYS A 387 23.32 -3.75 6.63
CA LYS A 387 23.43 -4.65 7.75
C LYS A 387 24.49 -4.17 8.73
N GLY A 388 24.17 -4.23 10.01
CA GLY A 388 25.11 -3.82 11.04
C GLY A 388 24.89 -2.40 11.56
N SER A 389 25.95 -1.79 12.08
CA SER A 389 25.83 -0.45 12.64
C SER A 389 27.19 0.23 12.70
N VAL A 390 27.19 1.55 12.89
CA VAL A 390 28.43 2.31 12.95
C VAL A 390 28.36 3.40 14.01
N ASN A 391 29.53 3.87 14.43
CA ASN A 391 29.63 4.99 15.35
C ASN A 391 29.99 6.27 14.59
N VAL A 392 29.23 7.34 14.82
CA VAL A 392 29.56 8.64 14.25
C VAL A 392 30.43 9.43 15.24
N VAL A 393 31.68 9.69 14.82
CA VAL A 393 32.66 10.30 15.70
C VAL A 393 33.04 11.69 15.21
N ILE A 394 33.03 12.66 16.13
CA ILE A 394 33.52 14.00 15.82
C ILE A 394 34.61 14.40 16.80
N TYR A 395 35.77 14.76 16.27
CA TYR A 395 36.92 15.14 17.11
C TYR A 395 36.51 16.21 18.10
N GLY A 396 36.82 16.00 19.38
CA GLY A 396 36.42 16.93 20.41
C GLY A 396 35.15 16.51 21.12
N LYS A 397 34.21 15.93 20.40
CA LYS A 397 32.91 15.58 20.98
C LYS A 397 32.81 14.10 21.33
N GLY A 398 33.49 13.26 20.56
CA GLY A 398 33.36 11.82 20.74
C GLY A 398 32.29 11.20 19.86
N VAL A 399 31.65 10.14 20.35
CA VAL A 399 30.61 9.49 19.58
C VAL A 399 29.32 10.28 19.72
N VAL A 400 28.96 10.92 18.61
CA VAL A 400 27.82 11.84 18.53
C VAL A 400 26.49 11.09 18.40
N CYS A 401 26.49 10.02 17.62
CA CYS A 401 25.35 9.13 17.51
C CYS A 401 25.77 7.78 16.93
N THR A 402 24.93 6.77 17.10
CA THR A 402 25.18 5.47 16.51
C THR A 402 24.09 5.16 15.50
N LEU A 403 24.49 4.62 14.34
CA LEU A 403 23.56 4.35 13.25
C LEU A 403 23.35 2.86 13.05
N HIS A 404 22.15 2.50 12.59
CA HIS A 404 21.79 1.11 12.36
C HIS A 404 21.26 0.89 10.96
N GLU A 405 21.04 -0.38 10.63
CA GLU A 405 20.51 -0.78 9.34
C GLU A 405 19.39 0.15 8.88
N GLY A 406 19.45 0.57 7.62
CA GLY A 406 18.44 1.48 7.12
C GLY A 406 18.84 2.95 7.16
N ASP A 407 19.71 3.30 8.10
CA ASP A 407 20.21 4.67 8.21
C ASP A 407 21.30 4.92 7.16
N ASP A 408 21.60 6.19 6.90
CA ASP A 408 22.63 6.52 5.92
C ASP A 408 23.52 7.65 6.41
N PHE A 409 24.69 7.78 5.81
CA PHE A 409 25.65 8.76 6.25
C PHE A 409 26.60 9.16 5.13
N GLY A 410 27.36 10.22 5.38
CA GLY A 410 28.33 10.72 4.42
C GLY A 410 27.73 11.31 3.16
N LYS A 411 26.54 11.89 3.25
CA LYS A 411 25.86 12.40 2.06
C LYS A 411 26.40 13.77 1.68
N LEU A 412 27.14 14.39 2.59
CA LEU A 412 27.80 15.67 2.30
C LEU A 412 28.69 15.54 1.07
N ALA A 413 29.30 14.37 0.90
CA ALA A 413 30.22 14.12 -0.21
C ALA A 413 29.53 14.31 -1.56
N LEU A 414 28.21 14.23 -1.60
CA LEU A 414 27.50 14.36 -2.86
C LEU A 414 27.06 15.80 -3.13
N VAL A 415 27.18 16.66 -2.12
CA VAL A 415 26.83 18.07 -2.27
C VAL A 415 27.98 18.88 -2.84
N ASN A 416 29.09 18.95 -2.10
CA ASN A 416 30.22 19.77 -2.48
C ASN A 416 31.53 19.01 -2.36
N ASP A 417 32.65 19.73 -2.51
CA ASP A 417 33.97 19.13 -2.40
C ASP A 417 34.59 19.41 -1.03
N ALA A 418 33.75 19.56 -0.01
CA ALA A 418 34.23 19.78 1.34
C ALA A 418 34.67 18.47 1.99
N PRO A 419 35.53 18.55 3.02
CA PRO A 419 36.04 17.37 3.74
C PRO A 419 35.06 16.80 4.74
N ARG A 420 35.26 15.54 5.10
CA ARG A 420 34.42 14.85 6.07
C ARG A 420 34.32 15.64 7.37
N ALA A 421 33.09 15.88 7.81
CA ALA A 421 32.86 16.56 9.08
C ALA A 421 32.81 15.55 10.22
N ALA A 422 33.00 14.27 9.89
CA ALA A 422 32.92 13.22 10.89
C ALA A 422 33.68 11.97 10.50
N SER A 423 33.89 11.10 11.48
CA SER A 423 34.53 9.80 11.25
C SER A 423 33.49 8.72 11.47
N ILE A 424 33.62 7.62 10.73
CA ILE A 424 32.70 6.50 10.83
C ILE A 424 33.50 5.26 11.19
N VAL A 425 33.20 4.65 12.33
CA VAL A 425 33.83 3.36 12.68
C VAL A 425 32.74 2.31 12.89
N LEU A 426 32.95 1.12 12.36
CA LEU A 426 31.98 0.05 12.50
C LEU A 426 31.79 -0.36 13.94
N ARG A 427 30.53 -0.54 14.32
CA ARG A 427 30.16 -0.81 15.68
C ARG A 427 30.12 -2.32 15.95
N GLU A 428 30.05 -3.11 14.88
CA GLU A 428 29.99 -4.56 15.00
C GLU A 428 30.58 -5.23 13.77
N ASP A 429 30.69 -6.55 13.82
CA ASP A 429 31.27 -7.31 12.70
C ASP A 429 30.25 -7.51 11.58
N ASN A 430 30.77 -7.75 10.37
CA ASN A 430 29.94 -8.10 9.22
C ASN A 430 28.93 -7.02 8.94
N CYS A 431 29.40 -5.86 8.51
CA CYS A 431 28.50 -4.79 8.13
C CYS A 431 28.38 -4.72 6.62
N HIS A 432 27.16 -4.54 6.14
CA HIS A 432 26.90 -4.35 4.71
C HIS A 432 26.45 -2.92 4.44
N PHE A 433 26.93 -2.37 3.33
CA PHE A 433 26.54 -1.02 2.92
C PHE A 433 26.26 -0.97 1.42
N LEU A 434 25.42 -0.03 1.02
CA LEU A 434 25.39 0.40 -0.37
C LEU A 434 26.17 1.70 -0.42
N ARG A 435 26.90 1.90 -1.51
CA ARG A 435 27.72 3.09 -1.63
C ARG A 435 27.60 3.74 -3.00
N VAL A 436 27.28 5.03 -3.01
CA VAL A 436 27.26 5.82 -4.24
C VAL A 436 28.36 6.89 -4.23
N ASP A 437 29.27 6.78 -5.21
CA ASP A 437 30.41 7.70 -5.32
C ASP A 437 29.98 9.04 -5.89
N LYS A 438 30.67 10.09 -5.44
CA LYS A 438 30.37 11.45 -5.85
C LYS A 438 30.30 11.59 -7.37
N GLU A 439 31.23 10.96 -8.08
CA GLU A 439 31.27 11.10 -9.53
C GLU A 439 29.96 10.65 -10.16
N ASP A 440 29.60 9.39 -9.89
CA ASP A 440 28.36 8.81 -10.40
C ASP A 440 27.13 9.57 -9.92
N GLY A 441 27.14 9.97 -8.66
CA GLY A 441 26.01 10.72 -8.14
C GLY A 441 25.74 11.98 -8.93
N ASN A 442 26.80 12.67 -9.35
CA ASN A 442 26.69 13.91 -10.10
C ASN A 442 26.31 13.66 -11.56
N ARG A 443 26.86 12.63 -12.18
CA ARG A 443 26.44 12.27 -13.53
C ARG A 443 24.94 12.11 -13.55
N ILE A 444 24.42 11.25 -12.67
CA ILE A 444 22.98 11.05 -12.57
C ILE A 444 22.25 12.38 -12.47
N LEU A 445 22.69 13.25 -11.56
CA LEU A 445 22.03 14.53 -11.36
C LEU A 445 22.02 15.38 -12.62
N ARG A 446 23.12 15.36 -13.37
CA ARG A 446 23.19 16.07 -14.65
C ARG A 446 22.36 15.37 -15.71
N ASP A 447 22.68 14.11 -15.98
CA ASP A 447 21.95 13.32 -16.98
C ASP A 447 20.45 13.46 -16.81
N VAL A 448 20.01 13.74 -15.59
CA VAL A 448 18.59 13.94 -15.30
C VAL A 448 18.11 15.30 -15.84
N GLU A 449 19.01 16.25 -15.97
CA GLU A 449 18.66 17.54 -16.58
C GLU A 449 18.81 17.49 -18.10
N ALA A 450 19.63 16.57 -18.57
CA ALA A 450 19.83 16.35 -20.00
C ALA A 450 18.57 15.74 -20.61
N ASN A 451 17.81 15.01 -19.80
CA ASN A 451 16.56 14.42 -20.26
C ASN A 451 15.36 15.24 -19.77
N THR A 452 15.66 16.36 -19.12
CA THR A 452 14.62 17.29 -18.68
C THR A 452 14.48 18.43 -19.68
N VAL A 453 13.28 18.99 -19.72
CA VAL A 453 12.96 20.13 -20.58
C VAL A 453 12.08 21.08 -19.76
N ARG A 454 12.57 22.30 -19.52
CA ARG A 454 11.90 23.19 -18.60
C ARG A 454 11.55 24.53 -19.25
N LEU A 455 10.30 24.70 -19.64
CA LEU A 455 9.84 25.98 -20.18
C LEU A 455 9.66 26.97 -19.05
N LYS A 456 10.34 28.10 -19.15
CA LYS A 456 10.28 29.14 -18.12
C LYS A 456 9.52 30.36 -18.65
N GLU A 457 8.63 30.92 -17.84
CA GLU A 457 7.87 32.10 -18.23
C GLU A 457 8.43 33.41 -17.70
N HIS A 458 8.27 33.65 -16.41
CA HIS A 458 8.77 34.89 -15.80
C HIS A 458 10.10 34.65 -15.10
N ASP A 459 10.89 33.75 -15.68
CA ASP A 459 12.20 33.36 -15.16
C ASP A 459 12.03 32.30 -14.07
N GLN A 460 11.06 31.41 -14.26
CA GLN A 460 10.87 30.26 -13.38
C GLN A 460 10.19 29.15 -14.17
N ASP A 461 10.37 27.91 -13.74
CA ASP A 461 9.69 26.79 -14.38
C ASP A 461 8.19 27.03 -14.46
N VAL A 462 7.60 26.72 -15.62
CA VAL A 462 6.17 26.83 -15.80
C VAL A 462 5.66 25.51 -16.41
N LEU A 463 6.61 24.65 -16.76
CA LEU A 463 6.31 23.32 -17.28
C LEU A 463 7.59 22.49 -17.30
N VAL A 464 7.52 21.22 -16.91
CA VAL A 464 8.72 20.38 -16.87
C VAL A 464 8.45 19.02 -17.49
N LEU A 465 9.45 18.42 -18.14
CA LEU A 465 9.22 17.13 -18.78
C LEU A 465 10.45 16.26 -19.04
N GLU A 466 10.19 14.96 -19.19
CA GLU A 466 11.24 13.99 -19.50
C GLU A 466 11.08 13.45 -20.91
N LYS A 467 12.20 13.28 -21.60
CA LYS A 467 12.21 12.72 -22.95
C LYS A 467 11.53 11.35 -23.01
N VAL A 468 10.60 11.18 -23.94
CA VAL A 468 9.95 9.90 -24.15
C VAL A 468 10.96 8.84 -24.58
N TYR A 486 6.90 15.73 -24.12
CA TYR A 486 6.98 14.31 -23.79
C TYR A 486 6.09 14.00 -22.59
N THR A 487 6.69 14.01 -21.39
CA THR A 487 5.97 13.69 -20.17
C THR A 487 5.83 14.92 -19.28
N VAL A 488 4.60 15.41 -19.10
CA VAL A 488 4.36 16.52 -18.19
C VAL A 488 4.70 16.12 -16.76
N MET A 489 5.23 17.08 -15.99
CA MET A 489 5.58 16.84 -14.59
C MET A 489 4.86 17.81 -13.68
N SER A 490 4.79 19.07 -14.09
CA SER A 490 4.12 20.08 -13.29
C SER A 490 3.85 21.37 -14.07
N GLY A 491 2.90 22.16 -13.58
CA GLY A 491 2.55 23.41 -14.20
C GLY A 491 1.28 23.97 -13.61
N THR A 492 0.70 24.99 -14.23
CA THR A 492 -0.57 25.52 -13.76
C THR A 492 -1.70 24.93 -14.60
N PRO A 493 -2.94 25.00 -14.11
CA PRO A 493 -4.05 24.46 -14.89
C PRO A 493 -4.04 24.99 -16.33
N GLU A 494 -3.88 26.30 -16.48
CA GLU A 494 -3.92 26.93 -17.79
C GLU A 494 -2.78 26.44 -18.69
N LYS A 495 -1.58 26.39 -18.15
CA LYS A 495 -0.41 25.97 -18.90
C LYS A 495 -0.44 24.48 -19.23
N ILE A 496 -0.89 23.66 -18.29
CA ILE A 496 -0.97 22.22 -18.52
C ILE A 496 -2.01 21.92 -19.60
N LEU A 497 -3.06 22.72 -19.62
CA LEU A 497 -4.12 22.59 -20.61
C LEU A 497 -3.62 22.84 -22.03
N GLU A 498 -2.83 23.88 -22.22
CA GLU A 498 -2.36 24.21 -23.57
C GLU A 498 -1.39 23.17 -24.09
N HIS A 499 -0.60 22.57 -23.22
CA HIS A 499 0.32 21.52 -23.65
C HIS A 499 -0.44 20.32 -24.22
N PHE A 500 -1.57 19.96 -23.61
CA PHE A 500 -2.34 18.81 -24.06
C PHE A 500 -3.10 19.08 -25.33
N LEU A 501 -3.65 20.29 -25.45
CA LEU A 501 -4.28 20.74 -26.69
C LEU A 501 -3.24 20.81 -27.79
N GLU A 502 -2.08 21.37 -27.45
CA GLU A 502 -1.05 21.62 -28.44
C GLU A 502 -0.39 20.34 -28.95
N THR A 503 -0.32 19.31 -28.11
CA THR A 503 0.33 18.06 -28.55
C THR A 503 -0.64 17.09 -29.20
N ILE A 504 -1.93 17.43 -29.19
CA ILE A 504 -2.90 16.60 -29.88
C ILE A 504 -2.48 16.36 -31.33
N ARG A 505 -2.74 15.14 -31.81
CA ARG A 505 -2.47 14.78 -33.19
C ARG A 505 -3.78 14.42 -33.87
N LEU A 506 -4.15 15.18 -34.89
CA LEU A 506 -5.45 15.01 -35.54
C LEU A 506 -5.40 13.93 -36.63
N GLU A 507 -4.28 13.23 -36.74
CA GLU A 507 -4.16 12.12 -37.69
C GLU A 507 -4.98 10.93 -37.20
N PRO A 508 -5.90 10.43 -38.05
CA PRO A 508 -6.73 9.28 -37.65
C PRO A 508 -5.91 8.04 -37.28
N SER A 509 -4.65 8.01 -37.71
CA SER A 509 -3.77 6.89 -37.41
C SER A 509 -3.31 6.94 -35.95
N LEU A 510 -3.04 8.15 -35.46
CA LEU A 510 -2.65 8.33 -34.07
C LEU A 510 -3.88 8.60 -33.22
N ASN A 511 -5.05 8.34 -33.78
CA ASN A 511 -6.31 8.54 -33.09
C ASN A 511 -6.28 7.89 -31.70
N GLU A 512 -5.85 6.63 -31.63
CA GLU A 512 -5.74 5.93 -30.36
C GLU A 512 -4.63 6.50 -29.50
N ALA A 513 -3.47 6.70 -30.11
CA ALA A 513 -2.29 7.26 -29.42
C ALA A 513 -2.59 8.64 -28.84
N THR A 514 -3.47 9.38 -29.50
CA THR A 514 -3.89 10.69 -29.02
C THR A 514 -4.82 10.58 -27.81
N ASP A 515 -5.80 9.68 -27.89
CA ASP A 515 -6.67 9.42 -26.74
C ASP A 515 -5.84 9.04 -25.53
N SER A 516 -4.77 8.30 -25.76
CA SER A 516 -3.90 7.87 -24.69
C SER A 516 -3.35 9.08 -23.93
N VAL A 517 -2.60 9.93 -24.63
CA VAL A 517 -1.94 11.06 -23.99
C VAL A 517 -2.91 11.98 -23.26
N LEU A 518 -4.15 12.08 -23.74
CA LEU A 518 -5.13 12.96 -23.13
C LEU A 518 -5.81 12.33 -21.93
N ASN A 519 -5.60 11.03 -21.71
CA ASN A 519 -6.40 10.34 -20.71
C ASN A 519 -6.13 10.83 -19.30
N ASP A 520 -4.85 10.84 -18.91
CA ASP A 520 -4.47 11.34 -17.60
C ASP A 520 -5.11 12.71 -17.35
N PHE A 521 -5.05 13.59 -18.35
CA PHE A 521 -5.59 14.93 -18.16
C PHE A 521 -7.11 14.94 -18.02
N VAL A 522 -7.82 14.27 -18.91
CA VAL A 522 -9.28 14.29 -18.83
C VAL A 522 -9.76 13.64 -17.54
N MET A 523 -8.99 12.68 -17.04
CA MET A 523 -9.39 11.95 -15.84
C MET A 523 -9.13 12.75 -14.55
N MET A 524 -7.96 13.38 -14.46
CA MET A 524 -7.55 14.00 -13.21
C MET A 524 -7.90 15.49 -13.11
N HIS A 525 -8.38 16.08 -14.20
CA HIS A 525 -8.49 17.52 -14.25
C HIS A 525 -9.35 18.08 -13.12
N CYS A 526 -10.33 17.30 -12.67
CA CYS A 526 -11.24 17.74 -11.60
C CYS A 526 -10.47 18.04 -10.33
N VAL A 527 -9.28 17.46 -10.20
CA VAL A 527 -8.45 17.75 -9.04
C VAL A 527 -7.98 19.21 -9.07
N PHE A 528 -7.21 19.56 -10.10
CA PHE A 528 -6.55 20.86 -10.16
C PHE A 528 -7.23 21.88 -11.07
N MET A 529 -8.32 21.50 -11.73
CA MET A 529 -9.00 22.42 -12.64
C MET A 529 -10.43 21.97 -12.93
N PRO A 530 -11.35 22.21 -11.98
CA PRO A 530 -12.75 21.84 -12.12
C PRO A 530 -13.34 22.31 -13.45
N ASN A 531 -14.55 21.86 -13.76
CA ASN A 531 -15.22 22.32 -14.97
C ASN A 531 -15.52 23.81 -14.90
N THR A 532 -15.76 24.32 -13.71
CA THR A 532 -16.06 25.75 -13.54
C THR A 532 -14.93 26.61 -14.07
N GLN A 533 -13.72 26.07 -14.08
CA GLN A 533 -12.56 26.79 -14.59
C GLN A 533 -12.12 26.21 -15.95
N LEU A 534 -12.43 24.95 -16.19
CA LEU A 534 -11.99 24.28 -17.41
C LEU A 534 -12.81 24.75 -18.61
N CYS A 535 -14.13 24.60 -18.52
CA CYS A 535 -15.02 24.90 -19.63
C CYS A 535 -14.77 26.29 -20.19
N PRO A 536 -14.75 27.32 -19.32
CA PRO A 536 -14.49 28.67 -19.85
C PRO A 536 -13.16 28.71 -20.59
N ALA A 537 -12.16 28.09 -19.97
CA ALA A 537 -10.81 28.03 -20.55
C ALA A 537 -10.82 27.39 -21.92
N LEU A 538 -11.75 26.45 -22.13
CA LEU A 538 -11.87 25.81 -23.43
C LEU A 538 -12.58 26.73 -24.41
N VAL A 539 -13.56 27.48 -23.92
CA VAL A 539 -14.25 28.47 -24.74
C VAL A 539 -13.24 29.46 -25.28
N ALA A 540 -12.38 29.94 -24.39
CA ALA A 540 -11.31 30.84 -24.78
C ALA A 540 -10.45 30.21 -25.87
N HIS A 541 -9.81 29.09 -25.56
CA HIS A 541 -8.93 28.44 -26.53
C HIS A 541 -9.55 28.26 -27.91
N TYR A 542 -10.87 28.08 -27.95
CA TYR A 542 -11.56 27.84 -29.21
C TYR A 542 -11.63 29.12 -30.05
N HIS A 543 -11.89 30.25 -29.41
CA HIS A 543 -12.03 31.51 -30.11
C HIS A 543 -10.73 32.29 -30.23
N ALA A 544 -9.79 32.04 -29.31
CA ALA A 544 -8.49 32.71 -29.32
C ALA A 544 -7.93 32.89 -30.73
N GLN A 545 -7.38 34.07 -30.99
CA GLN A 545 -6.78 34.38 -32.28
C GLN A 545 -5.33 33.89 -32.31
N PRO A 546 -4.94 33.20 -33.39
CA PRO A 546 -3.56 32.69 -33.50
C PRO A 546 -2.50 33.75 -33.21
N SER A 547 -1.46 33.34 -32.48
CA SER A 547 -0.43 34.27 -32.00
C SER A 547 0.66 34.53 -33.03
N GLN A 548 0.64 33.80 -34.13
CA GLN A 548 1.68 33.97 -35.14
C GLN A 548 1.16 33.77 -36.56
N GLY A 549 1.93 34.26 -37.52
CA GLY A 549 1.62 33.98 -38.91
C GLY A 549 0.85 35.04 -39.66
N THR A 550 0.99 34.99 -40.98
CA THR A 550 0.24 35.83 -41.90
C THR A 550 -1.26 35.71 -41.62
N GLU A 551 -2.04 36.67 -42.12
CA GLU A 551 -3.50 36.58 -42.00
C GLU A 551 -4.00 35.26 -42.61
N GLN A 552 -3.33 34.79 -43.64
CA GLN A 552 -3.67 33.52 -44.27
C GLN A 552 -3.16 32.34 -43.46
N GLU A 553 -1.88 32.36 -43.13
CA GLU A 553 -1.33 31.35 -42.24
C GLU A 553 -2.23 31.19 -41.02
N ARG A 554 -2.65 32.30 -40.42
CA ARG A 554 -3.51 32.29 -39.25
C ARG A 554 -4.86 31.69 -39.57
N MET A 555 -5.27 31.82 -40.83
CA MET A 555 -6.55 31.27 -41.25
C MET A 555 -6.52 29.78 -40.93
N ASP A 556 -5.42 29.14 -41.31
CA ASP A 556 -5.18 27.72 -41.07
C ASP A 556 -5.01 27.43 -39.57
N TYR A 557 -4.11 28.15 -38.91
CA TYR A 557 -3.87 27.95 -37.49
C TYR A 557 -5.17 27.84 -36.69
N ALA A 558 -5.94 28.91 -36.65
CA ALA A 558 -7.18 28.92 -35.88
C ALA A 558 -8.03 27.68 -36.19
N LEU A 559 -7.93 27.17 -37.42
CA LEU A 559 -8.69 26.00 -37.82
C LEU A 559 -8.25 24.77 -37.05
N ASN A 560 -6.93 24.57 -36.99
CA ASN A 560 -6.36 23.43 -36.28
C ASN A 560 -6.63 23.54 -34.80
N ASN A 561 -6.30 24.68 -34.21
CA ASN A 561 -6.59 24.92 -32.81
C ASN A 561 -8.04 24.52 -32.52
N LYS A 562 -8.96 24.95 -33.37
CA LYS A 562 -10.37 24.64 -33.17
C LYS A 562 -10.64 23.14 -33.22
N ARG A 563 -10.00 22.46 -34.17
CA ARG A 563 -10.16 21.03 -34.31
C ARG A 563 -9.57 20.33 -33.10
N ARG A 564 -8.48 20.87 -32.57
CA ARG A 564 -7.85 20.29 -31.40
C ARG A 564 -8.73 20.46 -30.16
N VAL A 565 -9.24 21.66 -29.95
CA VAL A 565 -10.13 21.93 -28.83
C VAL A 565 -11.35 21.01 -28.85
N ILE A 566 -11.87 20.77 -30.05
CA ILE A 566 -13.01 19.88 -30.21
C ILE A 566 -12.59 18.45 -29.89
N ARG A 567 -11.40 18.09 -30.33
CA ARG A 567 -10.85 16.77 -30.07
C ARG A 567 -10.76 16.50 -28.57
N LEU A 568 -10.34 17.50 -27.80
CA LEU A 568 -10.18 17.35 -26.36
C LEU A 568 -11.53 17.32 -25.66
N VAL A 569 -12.47 18.14 -26.14
CA VAL A 569 -13.81 18.16 -25.57
C VAL A 569 -14.44 16.78 -25.71
N LEU A 570 -14.25 16.16 -26.86
CA LEU A 570 -14.80 14.84 -27.11
C LEU A 570 -14.24 13.82 -26.12
N GLN A 571 -12.93 13.75 -26.01
CA GLN A 571 -12.29 12.84 -25.06
C GLN A 571 -12.69 13.18 -23.63
N TRP A 572 -13.04 14.44 -23.41
CA TRP A 572 -13.52 14.91 -22.13
C TRP A 572 -14.94 14.43 -21.85
N ALA A 573 -15.80 14.52 -22.87
CA ALA A 573 -17.18 14.06 -22.72
C ALA A 573 -17.21 12.53 -22.57
N ALA A 574 -16.29 11.86 -23.25
CA ALA A 574 -16.18 10.40 -23.19
C ALA A 574 -15.88 9.93 -21.77
N MET A 575 -14.96 10.61 -21.08
CA MET A 575 -14.61 10.24 -19.71
C MET A 575 -15.83 10.36 -18.80
N TYR A 576 -16.35 11.56 -18.65
CA TYR A 576 -17.52 11.80 -17.81
C TYR A 576 -18.68 10.89 -18.20
N GLY A 577 -18.80 10.66 -19.50
CA GLY A 577 -19.93 9.90 -20.02
C GLY A 577 -21.27 10.27 -19.38
N ASP A 578 -21.96 9.25 -18.89
CA ASP A 578 -23.28 9.41 -18.30
C ASP A 578 -23.29 10.46 -17.18
N LEU A 579 -22.14 10.72 -16.57
CA LEU A 579 -22.07 11.70 -15.47
C LEU A 579 -22.31 13.14 -15.89
N LEU A 580 -22.13 13.45 -17.17
CA LEU A 580 -22.35 14.81 -17.65
C LEU A 580 -23.64 15.39 -17.12
N GLN A 581 -24.68 14.57 -17.09
CA GLN A 581 -26.02 15.04 -16.74
C GLN A 581 -26.17 15.34 -15.26
N GLU A 582 -25.04 15.32 -14.54
CA GLU A 582 -25.04 15.68 -13.13
C GLU A 582 -24.37 17.05 -12.96
N ASP A 583 -23.50 17.39 -13.91
CA ASP A 583 -22.78 18.65 -13.86
C ASP A 583 -23.46 19.69 -14.76
N ASP A 584 -24.30 20.52 -14.16
CA ASP A 584 -25.06 21.53 -14.89
C ASP A 584 -24.17 22.37 -15.79
N VAL A 585 -23.02 22.78 -15.25
CA VAL A 585 -22.05 23.53 -16.05
C VAL A 585 -21.71 22.76 -17.31
N ALA A 586 -21.10 21.58 -17.14
CA ALA A 586 -20.66 20.75 -18.26
C ALA A 586 -21.69 20.71 -19.37
N MET A 587 -22.96 20.51 -19.01
CA MET A 587 -24.01 20.44 -20.01
C MET A 587 -24.22 21.79 -20.68
N ALA A 588 -24.31 22.84 -19.87
CA ALA A 588 -24.46 24.20 -20.38
C ALA A 588 -23.35 24.49 -21.39
N PHE A 589 -22.11 24.18 -20.99
CA PHE A 589 -20.96 24.35 -21.87
C PHE A 589 -21.19 23.68 -23.22
N LEU A 590 -21.36 22.36 -23.20
CA LEU A 590 -21.59 21.62 -24.44
C LEU A 590 -22.64 22.30 -25.30
N GLU A 591 -23.73 22.73 -24.67
CA GLU A 591 -24.80 23.39 -25.40
C GLU A 591 -24.25 24.56 -26.20
N GLU A 592 -23.70 25.54 -25.49
CA GLU A 592 -23.17 26.75 -26.12
C GLU A 592 -21.97 26.41 -27.01
N PHE A 593 -21.27 25.33 -26.66
CA PHE A 593 -20.12 24.90 -27.43
C PHE A 593 -20.55 24.22 -28.73
N TYR A 594 -21.70 23.57 -28.71
CA TYR A 594 -22.23 22.95 -29.91
C TYR A 594 -22.66 24.03 -30.90
N VAL A 595 -23.15 25.15 -30.35
CA VAL A 595 -23.51 26.29 -31.17
C VAL A 595 -22.27 26.75 -31.95
N SER A 596 -21.26 27.21 -31.22
CA SER A 596 -20.03 27.69 -31.81
C SER A 596 -19.56 26.80 -32.96
N VAL A 597 -19.60 25.48 -32.73
CA VAL A 597 -19.14 24.53 -33.73
C VAL A 597 -20.04 24.53 -34.95
N SER A 598 -21.32 24.84 -34.75
CA SER A 598 -22.28 24.87 -35.85
C SER A 598 -22.17 26.15 -36.66
N ASP A 599 -22.29 27.29 -35.97
CA ASP A 599 -22.29 28.60 -36.60
C ASP A 599 -21.26 28.70 -37.73
N ASP A 600 -20.18 27.93 -37.64
CA ASP A 600 -19.14 27.96 -38.65
C ASP A 600 -19.70 27.79 -40.06
N ALA A 601 -19.39 28.74 -40.95
CA ALA A 601 -19.82 28.66 -42.34
C ALA A 601 -19.23 27.39 -42.94
N ARG A 602 -17.91 27.35 -43.03
CA ARG A 602 -17.20 26.11 -43.36
C ARG A 602 -17.27 25.22 -42.12
N MET A 603 -16.98 23.93 -42.28
CA MET A 603 -17.18 23.00 -41.16
C MET A 603 -16.12 21.92 -41.05
N MET A 604 -16.00 21.35 -39.85
CA MET A 604 -15.19 20.18 -39.61
C MET A 604 -16.05 18.94 -39.88
N ALA A 605 -16.14 18.56 -41.14
CA ALA A 605 -17.06 17.51 -41.57
C ALA A 605 -17.00 16.26 -40.68
N ALA A 606 -15.84 15.60 -40.65
CA ALA A 606 -15.71 14.31 -39.97
C ALA A 606 -15.46 14.46 -38.47
N PHE A 607 -15.87 15.60 -37.90
CA PHE A 607 -15.64 15.84 -36.48
C PHE A 607 -16.92 16.26 -35.75
N LYS A 608 -17.76 17.04 -36.43
CA LYS A 608 -18.92 17.65 -35.77
C LYS A 608 -19.94 16.61 -35.33
N GLU A 609 -20.37 15.76 -36.26
CA GLU A 609 -21.41 14.77 -36.05
C GLU A 609 -21.42 14.15 -34.65
N GLN A 610 -20.24 13.91 -34.09
CA GLN A 610 -20.14 13.28 -32.78
C GLN A 610 -20.69 14.19 -31.69
N LEU A 611 -20.42 15.48 -31.80
CA LEU A 611 -20.87 16.46 -30.83
C LEU A 611 -22.39 16.52 -30.69
N PRO A 612 -23.13 16.64 -31.81
CA PRO A 612 -24.59 16.70 -31.69
C PRO A 612 -25.15 15.42 -31.08
N GLU A 613 -24.54 14.29 -31.41
CA GLU A 613 -24.91 13.02 -30.81
C GLU A 613 -25.01 13.17 -29.30
N LEU A 614 -23.99 13.82 -28.71
CA LEU A 614 -23.94 14.04 -27.27
C LEU A 614 -25.00 15.05 -26.82
N GLU A 615 -25.21 16.08 -27.63
CA GLU A 615 -26.22 17.08 -27.33
C GLU A 615 -27.61 16.44 -27.28
N LYS A 616 -27.86 15.55 -28.23
CA LYS A 616 -29.13 14.86 -28.32
C LYS A 616 -29.32 13.89 -27.16
N ILE A 617 -28.27 13.14 -26.82
CA ILE A 617 -28.36 12.18 -25.73
C ILE A 617 -28.53 12.91 -24.40
N VAL A 618 -27.88 14.06 -24.25
CA VAL A 618 -28.04 14.88 -23.06
C VAL A 618 -29.34 15.68 -23.18
N LYS A 619 -29.93 15.65 -24.37
CA LYS A 619 -31.22 16.29 -24.61
C LYS A 619 -32.32 15.26 -24.39
N GLN A 620 -31.96 13.99 -24.56
CA GLN A 620 -32.90 12.87 -24.46
C GLN A 620 -32.97 12.29 -23.05
N ILE A 621 -31.96 11.51 -22.69
CA ILE A 621 -31.96 10.79 -21.41
C ILE A 621 -32.00 11.75 -20.22
N SER A 622 -31.74 13.02 -20.49
CA SER A 622 -31.87 14.05 -19.46
C SER A 622 -33.34 14.47 -19.35
N GLU A 623 -34.08 14.29 -20.44
CA GLU A 623 -35.50 14.60 -20.47
C GLU A 623 -36.31 13.40 -20.02
N ASP A 624 -36.57 13.32 -18.72
CA ASP A 624 -37.34 12.22 -18.14
C ASP A 624 -37.74 12.56 -16.71
N ALA A 625 -38.91 12.10 -16.28
CA ALA A 625 -39.40 12.36 -14.93
C ALA A 625 -39.25 11.12 -14.04
N LYS A 626 -38.24 10.30 -14.33
CA LYS A 626 -37.97 9.10 -13.55
C LYS A 626 -36.53 9.13 -13.05
N ALA A 627 -36.34 8.89 -11.75
CA ALA A 627 -35.02 8.99 -11.13
C ALA A 627 -34.01 7.99 -11.71
N PRO A 628 -34.35 6.70 -11.75
CA PRO A 628 -35.59 6.07 -11.30
C PRO A 628 -35.64 5.90 -9.78
N GLN A 629 -36.83 5.98 -9.21
CA GLN A 629 -37.01 5.79 -7.78
C GLN A 629 -36.34 4.49 -7.36
N LYS A 630 -35.37 4.60 -6.45
CA LYS A 630 -34.60 3.44 -6.02
C LYS A 630 -34.99 3.00 -4.60
N LYS A 631 -34.96 1.70 -4.38
CA LYS A 631 -35.38 1.13 -3.10
C LYS A 631 -34.22 0.39 -2.43
N HIS A 632 -34.14 0.48 -1.10
CA HIS A 632 -33.10 -0.19 -0.35
C HIS A 632 -33.49 -0.28 1.13
N LYS A 633 -33.53 -1.50 1.66
CA LYS A 633 -33.87 -1.70 3.07
C LYS A 633 -33.16 -2.94 3.62
N ARG A 645 -37.92 -9.88 -7.29
CA ARG A 645 -36.68 -9.51 -6.61
C ARG A 645 -35.47 -9.89 -7.46
N ALA A 646 -34.30 -9.90 -6.83
CA ALA A 646 -33.08 -10.29 -7.52
C ALA A 646 -32.81 -9.37 -8.71
N GLN A 647 -32.34 -8.16 -8.41
CA GLN A 647 -32.06 -7.15 -9.43
C GLN A 647 -30.68 -7.34 -10.06
N LYS A 648 -30.56 -6.98 -11.33
CA LYS A 648 -29.24 -6.84 -11.94
C LYS A 648 -28.79 -5.39 -11.76
N ARG A 649 -27.69 -5.21 -11.03
CA ARG A 649 -27.25 -3.90 -10.57
C ARG A 649 -27.13 -2.88 -11.69
N GLN A 650 -27.61 -1.67 -11.42
CA GLN A 650 -27.50 -0.57 -12.38
C GLN A 650 -26.81 0.60 -11.68
N PRO A 651 -25.90 1.29 -12.38
CA PRO A 651 -25.21 2.42 -11.76
C PRO A 651 -26.15 3.35 -11.01
N ILE A 652 -25.74 3.73 -9.81
CA ILE A 652 -26.48 4.70 -9.03
C ILE A 652 -25.87 6.09 -9.24
N ARG A 653 -26.73 7.08 -9.46
CA ARG A 653 -26.28 8.45 -9.67
C ARG A 653 -26.78 9.38 -8.58
N GLY A 654 -25.98 10.38 -8.26
CA GLY A 654 -26.37 11.34 -7.25
C GLY A 654 -27.75 11.95 -7.45
N SER A 655 -28.11 12.19 -8.71
CA SER A 655 -29.39 12.82 -9.02
C SER A 655 -30.56 11.83 -8.94
N ASP A 656 -30.23 10.55 -8.84
CA ASP A 656 -31.25 9.52 -8.65
C ASP A 656 -31.91 9.68 -7.29
N GLU A 657 -33.24 9.74 -7.26
CA GLU A 657 -33.96 9.82 -5.99
C GLU A 657 -34.15 8.47 -5.33
N VAL A 658 -34.13 8.46 -4.00
CA VAL A 658 -34.23 7.23 -3.23
C VAL A 658 -35.39 7.30 -2.24
N LEU A 659 -35.95 6.13 -1.95
CA LEU A 659 -36.97 5.98 -0.92
C LEU A 659 -36.26 5.39 0.30
N PHE A 660 -35.94 6.23 1.28
CA PHE A 660 -35.09 5.80 2.38
C PHE A 660 -35.78 5.95 3.74
N LYS A 661 -35.57 4.97 4.61
CA LYS A 661 -36.17 4.97 5.94
C LYS A 661 -35.28 5.70 6.95
N VAL A 662 -35.85 6.66 7.68
CA VAL A 662 -35.13 7.35 8.74
C VAL A 662 -35.86 7.17 10.08
N TYR A 663 -35.22 6.46 11.01
CA TYR A 663 -35.91 6.03 12.23
C TYR A 663 -35.95 7.07 13.34
N CYS A 664 -36.88 6.87 14.27
CA CYS A 664 -37.04 7.76 15.42
C CYS A 664 -36.78 6.99 16.70
N ILE A 665 -36.61 7.73 17.79
CA ILE A 665 -36.33 7.15 19.11
C ILE A 665 -37.23 5.96 19.41
N ASP A 666 -38.52 6.12 19.08
CA ASP A 666 -39.51 5.08 19.32
C ASP A 666 -39.46 4.01 18.22
N HIS A 667 -38.37 3.98 17.47
CA HIS A 667 -38.16 2.98 16.44
C HIS A 667 -39.24 2.97 15.36
N THR A 668 -40.04 4.02 15.32
CA THR A 668 -40.86 4.29 14.15
C THR A 668 -39.96 4.92 13.10
N TYR A 669 -40.43 5.02 11.87
CA TYR A 669 -39.65 5.65 10.82
C TYR A 669 -40.55 6.33 9.79
N THR A 670 -40.05 7.42 9.21
CA THR A 670 -40.72 8.08 8.09
C THR A 670 -39.92 7.82 6.83
N THR A 671 -40.59 7.38 5.78
CA THR A 671 -39.90 7.18 4.51
C THR A 671 -39.84 8.49 3.73
N ILE A 672 -38.63 8.98 3.49
CA ILE A 672 -38.45 10.20 2.73
C ILE A 672 -37.97 9.86 1.32
N ARG A 673 -38.29 10.75 0.38
CA ARG A 673 -37.88 10.59 -1.01
C ARG A 673 -37.03 11.77 -1.40
N VAL A 674 -35.72 11.56 -1.44
CA VAL A 674 -34.77 12.61 -1.74
C VAL A 674 -33.68 12.07 -2.66
N PRO A 675 -32.94 12.96 -3.33
CA PRO A 675 -31.89 12.47 -4.22
C PRO A 675 -30.77 11.77 -3.45
N VAL A 676 -30.14 10.78 -4.09
CA VAL A 676 -29.03 10.07 -3.48
C VAL A 676 -27.99 11.04 -2.91
N ALA A 677 -27.70 12.09 -3.66
CA ALA A 677 -26.68 13.06 -3.27
C ALA A 677 -27.20 14.10 -2.28
N ALA A 678 -28.40 13.90 -1.77
CA ALA A 678 -28.97 14.83 -0.80
C ALA A 678 -27.98 15.13 0.32
N SER A 679 -28.02 16.36 0.84
CA SER A 679 -27.16 16.75 1.96
C SER A 679 -27.87 16.46 3.28
N VAL A 680 -27.09 16.38 4.36
CA VAL A 680 -27.68 16.16 5.67
C VAL A 680 -28.77 17.20 5.98
N LYS A 681 -28.49 18.46 5.65
CA LYS A 681 -29.48 19.53 5.85
C LYS A 681 -30.75 19.23 5.06
N GLU A 682 -30.59 18.82 3.79
CA GLU A 682 -31.74 18.50 2.96
C GLU A 682 -32.55 17.35 3.54
N VAL A 683 -31.86 16.39 4.14
CA VAL A 683 -32.51 15.22 4.73
C VAL A 683 -33.29 15.60 5.99
N ILE A 684 -32.65 16.38 6.87
CA ILE A 684 -33.31 16.90 8.06
C ILE A 684 -34.58 17.65 7.70
N SER A 685 -34.49 18.50 6.67
CA SER A 685 -35.62 19.29 6.22
C SER A 685 -36.77 18.40 5.76
N ALA A 686 -36.45 17.36 5.01
CA ALA A 686 -37.47 16.46 4.49
C ALA A 686 -38.15 15.70 5.63
N VAL A 687 -37.38 15.41 6.67
CA VAL A 687 -37.87 14.66 7.82
C VAL A 687 -38.70 15.56 8.72
N ALA A 688 -38.09 16.65 9.16
CA ALA A 688 -38.76 17.63 10.01
C ALA A 688 -40.08 18.08 9.42
N ASP A 689 -40.20 17.99 8.10
CA ASP A 689 -41.40 18.46 7.43
C ASP A 689 -42.55 17.45 7.60
N LYS A 690 -42.35 16.22 7.15
CA LYS A 690 -43.39 15.19 7.30
C LYS A 690 -43.82 15.00 8.75
N LEU A 691 -42.86 15.04 9.66
CA LEU A 691 -43.16 14.85 11.07
C LEU A 691 -43.65 16.15 11.68
N GLY A 692 -43.42 17.27 11.00
CA GLY A 692 -43.69 18.56 11.59
C GLY A 692 -42.74 18.81 12.74
N SER A 693 -41.73 17.95 12.83
CA SER A 693 -40.78 17.98 13.93
C SER A 693 -40.30 19.38 14.25
N GLY A 694 -40.20 19.66 15.53
CA GLY A 694 -39.75 20.96 15.99
C GLY A 694 -38.34 21.29 15.58
N GLU A 695 -37.86 22.43 16.07
CA GLU A 695 -36.51 22.89 15.79
C GLU A 695 -35.49 22.13 16.61
N GLY A 696 -34.48 21.60 15.95
CA GLY A 696 -33.41 20.92 16.65
C GLY A 696 -33.28 19.43 16.39
N LEU A 697 -33.75 18.97 15.24
CA LEU A 697 -33.54 17.58 14.86
C LEU A 697 -32.11 17.34 14.43
N ILE A 698 -31.54 16.26 14.92
CA ILE A 698 -30.24 15.82 14.47
C ILE A 698 -30.38 14.49 13.75
N ILE A 699 -29.50 14.27 12.78
CA ILE A 699 -29.44 12.97 12.12
C ILE A 699 -28.22 12.23 12.65
N VAL A 700 -28.44 10.97 13.00
CA VAL A 700 -27.38 10.19 13.60
C VAL A 700 -27.23 8.83 12.92
N LYS A 701 -25.99 8.50 12.56
CA LYS A 701 -25.65 7.16 12.10
C LYS A 701 -25.59 6.27 13.33
N MET A 702 -26.13 5.07 13.26
CA MET A 702 -25.91 4.13 14.35
C MET A 702 -25.69 2.71 13.85
N ASN A 703 -24.55 2.14 14.23
CA ASN A 703 -24.17 0.79 13.83
C ASN A 703 -24.74 -0.24 14.80
N SER A 704 -24.66 -1.50 14.40
CA SER A 704 -25.13 -2.61 15.23
C SER A 704 -24.55 -2.52 16.64
N GLY A 705 -23.38 -1.90 16.76
CA GLY A 705 -22.73 -1.80 18.05
C GLY A 705 -23.34 -0.80 19.02
N GLY A 706 -24.37 -0.09 18.57
CA GLY A 706 -24.95 0.95 19.41
C GLY A 706 -24.16 2.25 19.36
N GLU A 707 -23.08 2.24 18.59
CA GLU A 707 -22.25 3.43 18.40
C GLU A 707 -23.03 4.47 17.57
N LYS A 708 -22.81 5.75 17.85
CA LYS A 708 -23.64 6.80 17.29
C LYS A 708 -22.78 7.96 16.79
N VAL A 709 -22.95 8.34 15.52
CA VAL A 709 -22.25 9.50 14.99
C VAL A 709 -23.21 10.56 14.45
N VAL A 710 -23.26 11.70 15.13
CA VAL A 710 -24.04 12.83 14.65
C VAL A 710 -23.45 13.30 13.32
N LEU A 711 -24.30 13.49 12.32
CA LEU A 711 -23.83 13.91 11.00
C LEU A 711 -23.87 15.43 10.82
N LYS A 712 -22.89 15.95 10.09
CA LYS A 712 -22.73 17.38 9.84
C LYS A 712 -23.72 17.80 8.74
N SER A 713 -24.17 19.06 8.77
CA SER A 713 -25.18 19.55 7.81
C SER A 713 -24.68 19.56 6.36
N ASN A 714 -23.37 19.68 6.17
CA ASN A 714 -22.78 19.81 4.84
C ASN A 714 -22.48 18.45 4.23
N ASP A 715 -22.78 17.38 4.97
CA ASP A 715 -22.46 16.02 4.50
C ASP A 715 -23.40 15.56 3.39
N VAL A 716 -22.83 14.88 2.40
CA VAL A 716 -23.60 14.41 1.23
C VAL A 716 -23.48 12.90 1.06
N SER A 717 -24.45 12.32 0.34
CA SER A 717 -24.51 10.87 0.11
C SER A 717 -24.13 10.08 1.36
N VAL A 718 -25.07 9.97 2.28
CA VAL A 718 -24.85 9.34 3.56
C VAL A 718 -25.48 7.95 3.60
N PHE A 719 -26.25 7.62 2.58
CA PHE A 719 -27.00 6.36 2.56
C PHE A 719 -26.07 5.19 2.25
N THR A 720 -25.08 5.43 1.40
CA THR A 720 -24.22 4.35 0.93
C THR A 720 -22.97 4.18 1.83
N THR A 721 -22.80 5.11 2.77
CA THR A 721 -21.61 5.13 3.59
C THR A 721 -21.86 4.59 4.98
N LEU A 722 -22.96 3.87 5.16
CA LEU A 722 -23.27 3.27 6.44
C LEU A 722 -22.59 1.92 6.57
N THR A 723 -22.54 1.39 7.79
CA THR A 723 -22.09 0.04 8.02
C THR A 723 -23.14 -0.93 7.49
N ILE A 724 -22.76 -2.19 7.30
CA ILE A 724 -23.65 -3.20 6.75
C ILE A 724 -25.02 -3.17 7.42
N ASN A 725 -25.02 -3.10 8.75
CA ASN A 725 -26.26 -3.08 9.51
C ASN A 725 -26.55 -1.70 10.08
N GLY A 726 -25.79 -0.71 9.62
CA GLY A 726 -26.02 0.65 10.07
C GLY A 726 -27.40 1.16 9.71
N ARG A 727 -27.96 1.98 10.59
CA ARG A 727 -29.22 2.64 10.34
C ARG A 727 -29.07 4.14 10.54
N LEU A 728 -30.11 4.88 10.18
CA LEU A 728 -30.05 6.33 10.21
C LEU A 728 -31.22 6.82 11.05
N PHE A 729 -30.94 7.73 11.98
CA PHE A 729 -31.98 8.20 12.89
C PHE A 729 -32.12 9.70 12.86
N ALA A 730 -33.30 10.16 13.25
CA ALA A 730 -33.59 11.58 13.40
C ALA A 730 -34.29 11.76 14.73
N CYS A 731 -33.62 12.46 15.65
CA CYS A 731 -34.22 12.69 16.96
C CYS A 731 -33.71 14.02 17.51
N PRO A 732 -34.29 14.48 18.62
CA PRO A 732 -33.85 15.74 19.22
C PRO A 732 -32.52 15.58 19.96
N ARG A 733 -31.61 16.53 19.79
CA ARG A 733 -30.34 16.49 20.50
C ARG A 733 -30.62 16.30 21.98
N GLU A 734 -31.83 16.66 22.37
CA GLU A 734 -32.30 16.51 23.74
C GLU A 734 -32.15 15.06 24.17
N GLN A 735 -32.76 14.15 23.41
CA GLN A 735 -32.80 12.74 23.79
C GLN A 735 -31.84 11.89 22.92
N PHE A 736 -30.69 12.47 22.60
CA PHE A 736 -29.62 11.79 21.87
C PHE A 736 -29.20 10.51 22.60
N ASP A 737 -29.36 10.51 23.91
CA ASP A 737 -28.87 9.43 24.76
C ASP A 737 -29.79 8.21 24.80
N SER A 738 -31.09 8.41 24.70
CA SER A 738 -32.03 7.30 24.74
C SER A 738 -32.16 6.67 23.36
N LEU A 739 -31.39 7.20 22.42
CA LEU A 739 -31.37 6.64 21.07
C LEU A 739 -30.73 5.26 21.14
N THR A 740 -31.44 4.25 20.64
CA THR A 740 -30.93 2.89 20.73
C THR A 740 -31.13 2.14 19.43
N PRO A 741 -30.18 1.25 19.06
CA PRO A 741 -30.30 0.50 17.82
C PRO A 741 -31.58 -0.30 17.71
N LEU A 742 -31.89 -0.71 16.47
CA LEU A 742 -33.09 -1.46 16.18
C LEU A 742 -32.82 -2.94 16.39
N PRO A 743 -33.89 -3.72 16.62
CA PRO A 743 -33.74 -5.17 16.83
C PRO A 743 -33.08 -5.87 15.63
N GLU A 744 -33.29 -5.33 14.44
CA GLU A 744 -32.83 -5.95 13.20
C GLU A 744 -31.33 -5.76 12.97
N GLN A 745 -30.77 -4.68 13.49
CA GLN A 745 -29.36 -4.40 13.32
C GLN A 745 -28.53 -5.43 14.07
N GLU A 746 -29.13 -5.97 15.13
CA GLU A 746 -28.48 -6.99 15.96
C GLU A 746 -27.83 -8.07 15.09
N GLY A 747 -28.49 -8.42 14.00
CA GLY A 747 -27.96 -9.47 13.14
C GLY A 747 -28.74 -10.78 13.28
N PRO A 748 -28.55 -11.73 12.35
CA PRO A 748 -29.28 -13.00 12.43
C PRO A 748 -28.96 -13.81 13.69
N THR A 749 -29.94 -14.55 14.18
CA THR A 749 -29.79 -15.29 15.42
C THR A 749 -29.46 -16.76 15.16
N THR A 750 -29.92 -17.29 14.04
CA THR A 750 -29.67 -18.68 13.69
C THR A 750 -28.86 -18.78 12.41
N GLY A 751 -27.98 -19.77 12.35
CA GLY A 751 -27.18 -20.00 11.17
C GLY A 751 -28.00 -20.20 9.91
N THR A 752 -27.31 -20.48 8.80
CA THR A 752 -27.97 -20.68 7.52
C THR A 752 -27.31 -21.85 6.80
N VAL A 753 -26.46 -22.55 7.53
CA VAL A 753 -25.65 -23.63 6.99
C VAL A 753 -26.51 -24.66 6.28
N GLY A 754 -27.64 -24.98 6.91
CA GLY A 754 -28.55 -25.95 6.32
C GLY A 754 -28.95 -25.62 4.90
N THR A 755 -28.99 -24.34 4.58
CA THR A 755 -29.46 -23.89 3.27
C THR A 755 -28.39 -24.02 2.19
N PHE A 756 -27.22 -23.42 2.41
CA PHE A 756 -26.21 -23.36 1.35
C PHE A 756 -25.24 -24.54 1.38
N GLU A 757 -25.44 -25.49 2.28
CA GLU A 757 -24.62 -26.70 2.28
C GLU A 757 -25.12 -27.61 1.16
N LEU A 758 -26.34 -27.34 0.71
CA LEU A 758 -26.94 -28.11 -0.36
C LEU A 758 -26.60 -27.46 -1.69
N MET A 759 -25.73 -26.45 -1.61
CA MET A 759 -25.27 -25.70 -2.78
C MET A 759 -23.78 -25.98 -3.00
N SER A 760 -23.40 -26.28 -4.24
CA SER A 760 -21.99 -26.54 -4.53
C SER A 760 -21.12 -25.31 -4.29
N SER A 761 -19.86 -25.53 -3.93
CA SER A 761 -18.92 -24.44 -3.70
C SER A 761 -18.74 -23.62 -4.97
N LYS A 762 -18.79 -24.29 -6.12
CA LYS A 762 -18.59 -23.63 -7.40
C LYS A 762 -19.79 -22.80 -7.83
N ASP A 763 -20.98 -23.21 -7.41
CA ASP A 763 -22.20 -22.47 -7.74
C ASP A 763 -22.34 -21.20 -6.91
N LEU A 764 -22.04 -21.30 -5.62
CA LEU A 764 -22.03 -20.13 -4.76
C LEU A 764 -21.00 -19.13 -5.28
N ALA A 765 -19.78 -19.61 -5.49
CA ALA A 765 -18.70 -18.80 -6.02
C ALA A 765 -19.14 -18.14 -7.31
N TYR A 766 -19.59 -18.95 -8.26
CA TYR A 766 -20.04 -18.42 -9.54
C TYR A 766 -21.08 -17.34 -9.36
N GLN A 767 -22.02 -17.58 -8.45
CA GLN A 767 -23.12 -16.65 -8.29
C GLN A 767 -22.64 -15.40 -7.54
N MET A 768 -21.65 -15.58 -6.68
CA MET A 768 -21.02 -14.46 -5.99
C MET A 768 -20.25 -13.59 -6.99
N THR A 769 -19.60 -14.23 -7.95
CA THR A 769 -18.78 -13.53 -8.92
C THR A 769 -19.61 -12.70 -9.92
N THR A 770 -20.72 -13.24 -10.38
CA THR A 770 -21.55 -12.49 -11.32
C THR A 770 -22.05 -11.24 -10.61
N TYR A 771 -22.56 -11.42 -9.40
CA TYR A 771 -23.03 -10.32 -8.56
C TYR A 771 -21.91 -9.31 -8.34
N ASP A 772 -20.71 -9.81 -7.99
CA ASP A 772 -19.56 -8.94 -7.84
C ASP A 772 -19.25 -8.15 -9.10
N TRP A 773 -19.32 -8.81 -10.25
CA TRP A 773 -19.15 -8.11 -11.53
C TRP A 773 -20.12 -6.99 -11.74
N GLU A 774 -21.38 -7.20 -11.35
CA GLU A 774 -22.38 -6.16 -11.53
C GLU A 774 -22.03 -4.92 -10.70
N LEU A 775 -21.72 -5.13 -9.42
CA LEU A 775 -21.30 -4.04 -8.55
C LEU A 775 -20.03 -3.38 -9.08
N PHE A 776 -19.07 -4.19 -9.50
CA PHE A 776 -17.79 -3.68 -10.01
C PHE A 776 -17.99 -2.76 -11.24
N ASN A 777 -18.78 -3.22 -12.21
CA ASN A 777 -19.01 -2.46 -13.44
C ASN A 777 -19.87 -1.21 -13.25
N CYS A 778 -20.57 -1.14 -12.11
CA CYS A 778 -21.35 0.06 -11.81
C CYS A 778 -20.48 1.20 -11.26
N VAL A 779 -19.19 0.95 -11.10
CA VAL A 779 -18.32 1.98 -10.56
C VAL A 779 -17.67 2.80 -11.68
N HIS A 780 -17.98 4.08 -11.71
CA HIS A 780 -17.36 4.96 -12.69
C HIS A 780 -15.93 5.26 -12.26
N GLU A 781 -15.00 5.20 -13.21
CA GLU A 781 -13.59 5.39 -12.91
C GLU A 781 -13.34 6.64 -12.07
N LEU A 782 -14.15 7.67 -12.27
CA LEU A 782 -13.99 8.94 -11.54
C LEU A 782 -14.39 8.82 -10.07
N GLU A 783 -15.27 7.87 -9.73
CA GLU A 783 -15.63 7.68 -8.32
C GLU A 783 -14.36 7.36 -7.53
N LEU A 784 -13.43 6.65 -8.16
CA LEU A 784 -12.16 6.34 -7.52
C LEU A 784 -11.37 7.60 -7.25
N ILE A 785 -11.45 8.55 -8.18
CA ILE A 785 -10.73 9.81 -8.06
C ILE A 785 -11.33 10.64 -6.92
N TYR A 786 -12.65 10.80 -6.96
CA TYR A 786 -13.36 11.58 -5.95
C TYR A 786 -13.04 11.06 -4.54
N HIS A 787 -13.19 9.75 -4.37
CA HIS A 787 -12.94 9.08 -3.10
C HIS A 787 -11.51 9.39 -2.63
N THR A 788 -10.54 9.09 -3.48
CA THR A 788 -9.15 9.33 -3.13
C THR A 788 -8.89 10.77 -2.68
N PHE A 789 -9.58 11.73 -3.26
CA PHE A 789 -9.32 13.14 -2.95
C PHE A 789 -10.33 13.76 -2.01
N GLY A 790 -11.44 13.06 -1.78
CA GLY A 790 -12.45 13.58 -0.88
C GLY A 790 -13.79 13.86 -1.52
N ARG A 791 -14.71 12.90 -1.42
CA ARG A 791 -16.05 13.04 -1.99
C ARG A 791 -16.70 14.39 -1.65
N HIS A 792 -16.60 14.78 -0.38
CA HIS A 792 -17.25 16.00 0.09
C HIS A 792 -16.87 17.20 -0.75
N ASN A 793 -15.65 17.19 -1.28
CA ASN A 793 -15.15 18.29 -2.10
C ASN A 793 -15.96 18.45 -3.39
N PHE A 794 -15.94 17.42 -4.24
CA PHE A 794 -16.51 17.51 -5.57
C PHE A 794 -18.03 17.53 -5.57
N LYS A 795 -18.62 17.41 -4.37
CA LYS A 795 -20.08 17.38 -4.24
C LYS A 795 -20.74 16.38 -5.18
N LYS A 796 -19.96 15.40 -5.64
CA LYS A 796 -20.51 14.27 -6.37
C LYS A 796 -20.41 13.02 -5.51
N THR A 797 -21.16 11.98 -5.85
CA THR A 797 -21.23 10.80 -5.01
C THR A 797 -20.24 9.72 -5.46
N THR A 798 -20.08 8.72 -4.60
CA THR A 798 -19.32 7.52 -4.91
C THR A 798 -20.15 6.33 -4.49
N ALA A 799 -21.47 6.46 -4.59
CA ALA A 799 -22.41 5.44 -4.13
C ALA A 799 -22.08 4.03 -4.65
N ASN A 800 -21.63 3.94 -5.89
CA ASN A 800 -21.35 2.65 -6.51
C ASN A 800 -20.10 2.06 -5.89
N LEU A 801 -19.06 2.87 -5.77
CA LEU A 801 -17.84 2.44 -5.12
C LEU A 801 -18.11 2.09 -3.66
N ASP A 802 -18.96 2.89 -3.02
CA ASP A 802 -19.36 2.64 -1.65
C ASP A 802 -19.95 1.25 -1.52
N LEU A 803 -20.94 0.94 -2.36
CA LEU A 803 -21.62 -0.34 -2.29
C LEU A 803 -20.69 -1.51 -2.57
N PHE A 804 -19.73 -1.30 -3.46
CA PHE A 804 -18.83 -2.38 -3.83
C PHE A 804 -17.84 -2.67 -2.69
N LEU A 805 -17.29 -1.62 -2.06
CA LEU A 805 -16.38 -1.82 -0.93
C LEU A 805 -17.14 -2.45 0.25
N ARG A 806 -18.36 -1.97 0.47
CA ARG A 806 -19.23 -2.51 1.51
C ARG A 806 -19.43 -4.01 1.27
N ARG A 807 -19.66 -4.38 0.02
CA ARG A 807 -19.82 -5.77 -0.40
C ARG A 807 -18.65 -6.63 0.09
N PHE A 808 -17.44 -6.10 0.03
CA PHE A 808 -16.29 -6.83 0.52
C PHE A 808 -16.53 -7.20 1.99
N ASN A 809 -16.66 -6.19 2.85
CA ASN A 809 -16.94 -6.41 4.27
C ASN A 809 -18.16 -7.31 4.50
N GLU A 810 -19.17 -7.16 3.65
CA GLU A 810 -20.36 -7.96 3.78
C GLU A 810 -20.02 -9.45 3.69
N ILE A 811 -19.10 -9.78 2.78
CA ILE A 811 -18.70 -11.18 2.57
C ILE A 811 -17.91 -11.73 3.74
N GLN A 812 -16.95 -10.96 4.26
CA GLN A 812 -16.09 -11.49 5.31
C GLN A 812 -16.82 -11.67 6.63
N PHE A 813 -17.81 -10.81 6.90
CA PHE A 813 -18.65 -11.01 8.06
C PHE A 813 -19.64 -12.16 7.85
N TRP A 814 -19.97 -12.43 6.60
CA TRP A 814 -20.77 -13.61 6.28
C TRP A 814 -20.08 -14.88 6.76
N VAL A 815 -18.76 -14.93 6.59
CA VAL A 815 -17.97 -16.09 6.98
C VAL A 815 -17.87 -16.18 8.51
N VAL A 816 -17.46 -15.08 9.15
CA VAL A 816 -17.36 -15.05 10.60
C VAL A 816 -18.71 -15.34 11.27
N THR A 817 -19.79 -14.91 10.64
CA THR A 817 -21.12 -15.13 11.19
C THR A 817 -21.45 -16.63 11.23
N GLU A 818 -21.52 -17.26 10.07
CA GLU A 818 -21.89 -18.67 9.99
C GLU A 818 -21.03 -19.57 10.89
N VAL A 819 -19.73 -19.33 10.90
CA VAL A 819 -18.84 -20.09 11.77
C VAL A 819 -19.25 -19.93 13.23
N CYS A 820 -19.45 -18.70 13.66
CA CYS A 820 -19.77 -18.42 15.06
C CYS A 820 -21.18 -18.85 15.46
N LEU A 821 -22.08 -18.98 14.48
CA LEU A 821 -23.43 -19.46 14.76
C LEU A 821 -23.57 -20.94 14.41
N CYS A 822 -22.47 -21.68 14.53
CA CYS A 822 -22.50 -23.13 14.31
C CYS A 822 -21.96 -23.86 15.54
N SER A 823 -22.86 -24.09 16.51
CA SER A 823 -22.47 -24.64 17.82
C SER A 823 -21.78 -26.00 17.72
N GLN A 824 -22.26 -26.86 16.82
CA GLN A 824 -21.67 -28.19 16.65
C GLN A 824 -20.24 -28.11 16.13
N LEU A 825 -19.34 -28.81 16.80
CA LEU A 825 -17.92 -28.76 16.46
C LEU A 825 -17.62 -29.50 15.16
N SER A 826 -18.42 -30.51 14.87
CA SER A 826 -18.23 -31.29 13.65
C SER A 826 -18.70 -30.52 12.42
N LYS A 827 -19.67 -29.64 12.61
CA LYS A 827 -20.28 -28.93 11.49
C LYS A 827 -19.62 -27.59 11.18
N ARG A 828 -18.75 -27.12 12.07
CA ARG A 828 -17.92 -25.97 11.73
C ARG A 828 -16.78 -26.41 10.83
N VAL A 829 -16.11 -27.50 11.22
CA VAL A 829 -15.03 -28.05 10.40
C VAL A 829 -15.49 -28.20 8.95
N GLN A 830 -16.78 -28.45 8.77
CA GLN A 830 -17.35 -28.58 7.44
C GLN A 830 -17.40 -27.22 6.74
N LEU A 831 -17.63 -26.16 7.51
CA LEU A 831 -17.64 -24.81 6.95
C LEU A 831 -16.27 -24.38 6.46
N LEU A 832 -15.24 -24.56 7.29
CA LEU A 832 -13.89 -24.24 6.87
C LEU A 832 -13.57 -24.89 5.53
N LYS A 833 -13.89 -26.17 5.41
CA LYS A 833 -13.75 -26.86 4.13
C LYS A 833 -14.61 -26.16 3.08
N LYS A 834 -15.81 -25.79 3.51
CA LYS A 834 -16.81 -25.20 2.60
C LYS A 834 -16.38 -23.80 2.13
N PHE A 835 -15.95 -22.95 3.05
CA PHE A 835 -15.49 -21.61 2.68
C PHE A 835 -14.19 -21.65 1.89
N ILE A 836 -13.27 -22.50 2.32
CA ILE A 836 -12.01 -22.63 1.60
C ILE A 836 -12.25 -23.06 0.16
N LYS A 837 -13.19 -23.98 -0.04
CA LYS A 837 -13.52 -24.44 -1.39
C LYS A 837 -14.21 -23.33 -2.17
N ILE A 838 -15.06 -22.56 -1.48
CA ILE A 838 -15.72 -21.42 -2.10
C ILE A 838 -14.69 -20.37 -2.53
N ALA A 839 -13.75 -20.08 -1.65
CA ALA A 839 -12.66 -19.19 -2.02
C ALA A 839 -11.96 -19.75 -3.25
N ALA A 840 -11.48 -20.99 -3.15
CA ALA A 840 -10.76 -21.63 -4.25
C ALA A 840 -11.45 -21.39 -5.59
N HIS A 841 -12.75 -21.66 -5.64
CA HIS A 841 -13.50 -21.43 -6.87
C HIS A 841 -13.55 -19.95 -7.25
N CYS A 842 -13.59 -19.07 -6.26
CA CYS A 842 -13.54 -17.63 -6.54
C CYS A 842 -12.26 -17.24 -7.25
N LYS A 843 -11.12 -17.58 -6.63
CA LYS A 843 -9.81 -17.34 -7.23
C LYS A 843 -9.76 -17.96 -8.62
N GLU A 844 -10.31 -19.16 -8.73
CA GLU A 844 -10.39 -19.84 -10.01
C GLU A 844 -11.14 -18.98 -11.03
N TYR A 845 -12.16 -18.26 -10.55
CA TYR A 845 -12.93 -17.37 -11.43
C TYR A 845 -12.23 -16.03 -11.62
N LYS A 846 -11.04 -15.88 -11.06
CA LYS A 846 -10.31 -14.62 -11.14
C LYS A 846 -11.07 -13.49 -10.43
N ASN A 847 -11.92 -13.88 -9.47
CA ASN A 847 -12.58 -12.93 -8.57
C ASN A 847 -11.75 -12.87 -7.30
N LEU A 848 -10.67 -12.10 -7.35
CA LEU A 848 -9.78 -11.98 -6.20
C LEU A 848 -10.46 -11.21 -5.08
N ASN A 849 -11.50 -10.47 -5.43
CA ASN A 849 -12.23 -9.63 -4.47
C ASN A 849 -12.90 -10.48 -3.41
N SER A 850 -13.71 -11.45 -3.83
CA SER A 850 -14.41 -12.34 -2.90
C SER A 850 -13.46 -13.35 -2.27
N PHE A 851 -12.42 -13.72 -3.02
CA PHE A 851 -11.42 -14.65 -2.50
C PHE A 851 -10.83 -14.09 -1.20
N PHE A 852 -10.26 -12.89 -1.28
CA PHE A 852 -9.67 -12.24 -0.12
C PHE A 852 -10.69 -11.94 0.97
N ALA A 853 -11.91 -11.59 0.59
CA ALA A 853 -12.95 -11.35 1.57
C ALA A 853 -13.12 -12.59 2.45
N ILE A 854 -13.31 -13.74 1.81
CA ILE A 854 -13.44 -15.01 2.52
C ILE A 854 -12.23 -15.29 3.38
N VAL A 855 -11.04 -15.27 2.78
CA VAL A 855 -9.80 -15.51 3.51
C VAL A 855 -9.65 -14.57 4.72
N MET A 856 -10.00 -13.31 4.55
CA MET A 856 -9.95 -12.36 5.67
C MET A 856 -11.01 -12.67 6.72
N GLY A 857 -12.09 -13.32 6.29
CA GLY A 857 -13.07 -13.78 7.25
C GLY A 857 -12.53 -14.94 8.07
N LEU A 858 -11.87 -15.88 7.39
CA LEU A 858 -11.31 -17.06 8.02
C LEU A 858 -10.09 -16.69 8.85
N SER A 859 -9.65 -15.44 8.75
CA SER A 859 -8.51 -14.96 9.51
C SER A 859 -8.97 -14.10 10.67
N ASN A 860 -10.26 -13.81 10.69
CA ASN A 860 -10.82 -13.01 11.77
C ASN A 860 -10.52 -13.70 13.10
N VAL A 861 -9.99 -12.94 14.05
CA VAL A 861 -9.64 -13.47 15.35
C VAL A 861 -10.71 -14.41 15.89
N ALA A 862 -11.98 -14.05 15.68
CA ALA A 862 -13.09 -14.85 16.17
C ALA A 862 -13.05 -16.25 15.57
N VAL A 863 -12.49 -16.36 14.36
CA VAL A 863 -12.41 -17.65 13.68
C VAL A 863 -11.03 -18.26 13.83
N SER A 864 -10.03 -17.42 13.97
CA SER A 864 -8.65 -17.89 14.08
C SER A 864 -8.38 -18.55 15.44
N ARG A 865 -9.04 -18.05 16.48
CA ARG A 865 -8.82 -18.55 17.83
C ARG A 865 -9.44 -19.92 18.07
N LEU A 866 -10.31 -20.38 17.18
CA LEU A 866 -10.94 -21.68 17.35
C LEU A 866 -9.95 -22.82 17.11
N ALA A 867 -8.94 -22.89 17.96
CA ALA A 867 -7.89 -23.92 17.88
C ALA A 867 -8.47 -25.30 17.61
N LEU A 868 -9.42 -25.72 18.44
CA LEU A 868 -10.02 -27.05 18.33
C LEU A 868 -10.63 -27.30 16.95
N THR A 869 -11.14 -26.24 16.31
CA THR A 869 -11.82 -26.39 15.03
C THR A 869 -10.83 -26.51 13.87
N TRP A 870 -9.74 -25.75 13.95
CA TRP A 870 -8.74 -25.79 12.89
C TRP A 870 -7.98 -27.12 12.90
N GLU A 871 -7.64 -27.58 14.09
CA GLU A 871 -6.83 -28.78 14.25
C GLU A 871 -7.49 -30.03 13.66
N LYS A 872 -8.81 -30.09 13.70
CA LYS A 872 -9.52 -31.26 13.18
C LYS A 872 -9.80 -31.16 11.69
N LEU A 873 -9.16 -30.21 11.03
CA LEU A 873 -9.36 -30.00 9.60
C LEU A 873 -8.35 -30.83 8.79
N PRO A 874 -8.83 -31.51 7.74
CA PRO A 874 -7.90 -32.32 6.92
C PRO A 874 -6.69 -31.51 6.46
N SER A 875 -5.49 -32.09 6.60
CA SER A 875 -4.25 -31.41 6.22
C SER A 875 -4.32 -30.82 4.83
N LYS A 876 -5.08 -31.45 3.96
CA LYS A 876 -5.26 -30.98 2.59
C LYS A 876 -5.73 -29.52 2.60
N PHE A 877 -6.75 -29.23 3.40
CA PHE A 877 -7.30 -27.90 3.48
C PHE A 877 -6.48 -26.98 4.38
N LYS A 878 -5.68 -27.57 5.26
CA LYS A 878 -4.74 -26.75 6.02
C LYS A 878 -3.70 -26.18 5.08
N LYS A 879 -3.45 -26.90 3.99
CA LYS A 879 -2.47 -26.47 3.00
C LYS A 879 -3.03 -25.36 2.10
N PHE A 880 -4.20 -25.59 1.53
CA PHE A 880 -4.84 -24.58 0.70
C PHE A 880 -4.90 -23.26 1.44
N TYR A 881 -5.44 -23.30 2.65
CA TYR A 881 -5.60 -22.09 3.44
C TYR A 881 -4.27 -21.41 3.72
N ALA A 882 -3.26 -22.17 4.11
CA ALA A 882 -1.95 -21.60 4.38
C ALA A 882 -1.46 -20.83 3.15
N GLU A 883 -1.63 -21.43 1.97
CA GLU A 883 -1.28 -20.77 0.72
C GLU A 883 -2.10 -19.50 0.51
N PHE A 884 -3.36 -19.54 0.91
CA PHE A 884 -4.23 -18.37 0.81
C PHE A 884 -3.73 -17.20 1.65
N GLU A 885 -3.42 -17.44 2.92
CA GLU A 885 -2.88 -16.39 3.76
C GLU A 885 -1.63 -15.75 3.17
N SER A 886 -0.76 -16.58 2.61
CA SER A 886 0.49 -16.09 2.05
C SER A 886 0.31 -15.01 0.97
N LEU A 887 -0.74 -15.12 0.14
CA LEU A 887 -1.07 -14.08 -0.84
C LEU A 887 -1.47 -12.77 -0.18
N MET A 888 -1.78 -12.82 1.10
CA MET A 888 -2.16 -11.61 1.82
C MET A 888 -0.98 -11.01 2.55
N ASP A 889 0.20 -11.59 2.37
CA ASP A 889 1.42 -11.04 2.94
C ASP A 889 1.62 -9.61 2.43
N PRO A 890 1.72 -8.65 3.35
CA PRO A 890 1.92 -7.25 2.93
C PRO A 890 3.37 -6.88 2.64
N SER A 891 4.32 -7.77 2.92
CA SER A 891 5.72 -7.40 2.70
C SER A 891 5.95 -6.91 1.28
N ARG A 892 6.90 -6.00 1.14
CA ARG A 892 7.19 -5.33 -0.12
C ARG A 892 5.92 -4.86 -0.82
N ASN A 893 5.06 -4.20 -0.06
CA ASN A 893 3.87 -3.56 -0.60
C ASN A 893 2.94 -4.57 -1.27
N HIS A 894 2.62 -5.65 -0.55
CA HIS A 894 1.78 -6.70 -1.09
C HIS A 894 2.29 -7.24 -2.43
N ARG A 895 3.58 -7.57 -2.50
CA ARG A 895 4.13 -8.12 -3.73
C ARG A 895 3.44 -9.44 -4.08
N ALA A 896 3.30 -10.31 -3.08
CA ALA A 896 2.61 -11.59 -3.29
C ALA A 896 1.36 -11.38 -4.13
N TYR A 897 0.52 -10.44 -3.73
CA TYR A 897 -0.68 -10.15 -4.50
C TYR A 897 -0.39 -9.52 -5.87
N ARG A 898 0.55 -8.58 -5.92
CA ARG A 898 0.84 -7.88 -7.18
C ARG A 898 1.16 -8.92 -8.27
N LEU A 899 2.04 -9.85 -7.92
CA LEU A 899 2.52 -10.87 -8.86
C LEU A 899 1.40 -11.79 -9.30
N THR A 900 0.58 -12.19 -8.33
CA THR A 900 -0.54 -13.08 -8.60
C THR A 900 -1.54 -12.49 -9.59
N ALA A 901 -1.95 -11.25 -9.35
CA ALA A 901 -2.89 -10.58 -10.24
C ALA A 901 -2.28 -10.30 -11.62
N ALA A 902 -1.03 -9.83 -11.63
CA ALA A 902 -0.37 -9.45 -12.87
C ALA A 902 -0.32 -10.61 -13.85
N LYS A 903 -0.21 -11.81 -13.28
CA LYS A 903 -0.07 -13.04 -14.06
C LYS A 903 -1.45 -13.51 -14.54
N LEU A 904 -2.37 -12.57 -14.64
CA LEU A 904 -3.74 -12.89 -15.06
C LEU A 904 -4.25 -11.91 -16.12
N GLU A 905 -5.29 -12.33 -16.82
CA GLU A 905 -5.82 -11.59 -17.94
C GLU A 905 -7.29 -11.29 -17.71
N PRO A 906 -7.74 -10.07 -18.07
CA PRO A 906 -9.16 -9.79 -17.85
C PRO A 906 -10.04 -10.76 -18.60
N PRO A 907 -11.30 -10.93 -18.18
CA PRO A 907 -11.93 -10.25 -17.04
C PRO A 907 -11.38 -10.70 -15.69
N LEU A 908 -11.28 -9.75 -14.76
CA LEU A 908 -10.68 -9.96 -13.45
C LEU A 908 -11.26 -8.94 -12.45
N ILE A 909 -11.64 -9.42 -11.26
CA ILE A 909 -12.03 -8.50 -10.20
C ILE A 909 -10.87 -8.42 -9.22
N PRO A 910 -10.28 -7.22 -9.05
CA PRO A 910 -9.14 -7.06 -8.15
C PRO A 910 -9.49 -7.05 -6.67
N PHE A 911 -8.46 -7.22 -5.85
CA PHE A 911 -8.55 -7.01 -4.41
C PHE A 911 -8.74 -5.51 -4.24
N MET A 912 -10.00 -5.09 -4.16
CA MET A 912 -10.34 -3.68 -4.30
C MET A 912 -9.90 -2.81 -3.11
N PRO A 913 -10.07 -3.30 -1.87
CA PRO A 913 -9.62 -2.46 -0.74
C PRO A 913 -8.14 -2.13 -0.82
N LEU A 914 -7.31 -3.11 -1.19
CA LEU A 914 -5.88 -2.86 -1.35
C LEU A 914 -5.65 -1.79 -2.40
N LEU A 915 -6.39 -1.94 -3.49
CA LEU A 915 -6.28 -1.04 -4.61
C LEU A 915 -6.71 0.38 -4.24
N ILE A 916 -7.63 0.49 -3.28
CA ILE A 916 -8.01 1.79 -2.73
C ILE A 916 -6.90 2.38 -1.88
N LYS A 917 -6.23 1.55 -1.08
CA LYS A 917 -5.12 2.05 -0.28
C LYS A 917 -4.02 2.62 -1.14
N ASP A 918 -3.66 1.93 -2.22
CA ASP A 918 -2.64 2.44 -3.14
C ASP A 918 -2.90 3.90 -3.47
N MET A 919 -4.11 4.19 -3.94
CA MET A 919 -4.47 5.57 -4.24
C MET A 919 -4.38 6.48 -3.03
N THR A 920 -5.01 6.11 -1.91
CA THR A 920 -4.90 6.88 -0.69
C THR A 920 -3.44 7.08 -0.29
N PHE A 921 -2.64 6.04 -0.39
CA PHE A 921 -1.22 6.16 -0.07
C PHE A 921 -0.57 7.21 -0.96
N THR A 922 -0.64 6.99 -2.27
CA THR A 922 -0.01 7.88 -3.23
C THR A 922 -0.47 9.32 -3.03
N HIS A 923 -1.74 9.51 -2.66
CA HIS A 923 -2.27 10.85 -2.41
C HIS A 923 -1.55 11.51 -1.25
N GLU A 924 -1.43 10.79 -0.14
CA GLU A 924 -0.93 11.38 1.09
C GLU A 924 0.59 11.47 1.11
N GLY A 925 1.25 10.60 0.35
CA GLY A 925 2.69 10.62 0.29
C GLY A 925 3.28 11.46 -0.82
N ASN A 926 2.45 12.31 -1.41
CA ASN A 926 2.87 13.18 -2.51
C ASN A 926 1.96 14.40 -2.53
N LYS A 927 2.53 15.58 -2.77
CA LYS A 927 1.74 16.79 -2.76
C LYS A 927 1.14 17.08 -4.12
N THR A 928 -0.11 17.53 -4.12
CA THR A 928 -0.78 17.92 -5.35
C THR A 928 -0.04 19.10 -5.95
N PHE A 929 0.23 20.10 -5.12
CA PHE A 929 0.91 21.31 -5.57
C PHE A 929 2.37 21.39 -5.10
N ILE A 930 3.22 21.95 -5.95
CA ILE A 930 4.63 22.12 -5.65
C ILE A 930 5.04 23.54 -6.02
N ASP A 931 5.16 24.40 -5.01
CA ASP A 931 5.45 25.80 -5.23
C ASP A 931 4.37 26.39 -6.12
N ASN A 932 3.12 26.18 -5.71
CA ASN A 932 1.96 26.74 -6.39
C ASN A 932 1.82 26.18 -7.80
N LEU A 933 2.43 25.04 -8.06
CA LEU A 933 2.29 24.38 -9.36
C LEU A 933 1.72 22.97 -9.22
N VAL A 934 0.71 22.67 -10.01
CA VAL A 934 0.09 21.34 -10.01
C VAL A 934 1.14 20.27 -10.27
N ASN A 935 1.26 19.34 -9.33
CA ASN A 935 2.18 18.21 -9.46
C ASN A 935 1.53 17.16 -10.35
N PHE A 936 1.91 17.12 -11.62
CA PHE A 936 1.17 16.30 -12.56
C PHE A 936 1.66 14.86 -12.56
N GLU A 937 2.88 14.62 -12.10
CA GLU A 937 3.36 13.23 -12.05
C GLU A 937 2.58 12.47 -10.98
N LYS A 938 2.21 13.16 -9.90
CA LYS A 938 1.34 12.57 -8.90
C LYS A 938 0.02 12.19 -9.58
N MET A 939 -0.55 13.15 -10.30
CA MET A 939 -1.80 12.93 -11.03
C MET A 939 -1.74 11.62 -11.81
N ARG A 940 -0.65 11.45 -12.56
CA ARG A 940 -0.47 10.28 -13.39
C ARG A 940 -0.39 9.00 -12.56
N MET A 941 0.28 9.06 -11.42
CA MET A 941 0.48 7.89 -10.55
C MET A 941 -0.85 7.38 -9.99
N ILE A 942 -1.74 8.30 -9.66
CA ILE A 942 -3.09 7.95 -9.23
C ILE A 942 -3.96 7.50 -10.39
N ALA A 943 -3.71 8.04 -11.57
CA ALA A 943 -4.43 7.64 -12.77
C ALA A 943 -4.02 6.22 -13.16
N ASN A 944 -2.76 5.90 -12.90
CA ASN A 944 -2.22 4.55 -13.05
C ASN A 944 -3.21 3.52 -12.50
N THR A 945 -3.62 3.71 -11.25
CA THR A 945 -4.53 2.77 -10.60
C THR A 945 -5.88 2.71 -11.30
N ALA A 946 -6.49 3.86 -11.54
CA ALA A 946 -7.80 3.90 -12.18
C ALA A 946 -7.78 3.15 -13.52
N ARG A 947 -6.71 3.35 -14.28
CA ARG A 947 -6.56 2.72 -15.57
C ARG A 947 -6.42 1.21 -15.44
N THR A 948 -5.83 0.76 -14.34
CA THR A 948 -5.70 -0.67 -14.07
C THR A 948 -7.10 -1.29 -13.89
N VAL A 949 -7.99 -0.54 -13.25
CA VAL A 949 -9.37 -0.95 -13.17
C VAL A 949 -9.96 -1.12 -14.56
N ARG A 950 -9.79 -0.11 -15.40
CA ARG A 950 -10.33 -0.14 -16.76
C ARG A 950 -9.92 -1.44 -17.46
N TYR A 951 -8.63 -1.71 -17.42
CA TYR A 951 -8.06 -2.91 -18.00
C TYR A 951 -8.71 -4.19 -17.44
N TYR A 952 -8.87 -4.25 -16.11
CA TYR A 952 -9.44 -5.42 -15.47
C TYR A 952 -10.83 -5.74 -15.98
N ARG A 953 -11.58 -4.72 -16.36
CA ARG A 953 -12.95 -4.91 -16.81
C ARG A 953 -13.12 -4.55 -18.29
N SER A 954 -12.06 -4.74 -19.07
CA SER A 954 -12.08 -4.44 -20.49
C SER A 954 -12.52 -5.66 -21.32
N GLN A 955 -12.66 -6.81 -20.68
CA GLN A 955 -13.22 -8.02 -21.32
C GLN A 955 -14.43 -8.48 -20.53
N PRO A 956 -15.51 -8.90 -21.22
CA PRO A 956 -16.73 -9.36 -20.54
C PRO A 956 -16.46 -10.61 -19.71
N PHE A 957 -17.34 -10.90 -18.76
CA PHE A 957 -17.20 -12.12 -17.96
C PHE A 957 -18.24 -13.15 -18.35
N ASN A 958 -17.79 -14.30 -18.83
CA ASN A 958 -18.72 -15.36 -19.18
C ASN A 958 -17.99 -16.68 -19.42
N PRO A 959 -17.84 -17.49 -18.35
CA PRO A 959 -17.17 -18.80 -18.46
C PRO A 959 -18.08 -19.83 -19.13
N ASP A 960 -17.70 -21.11 -19.04
CA ASP A 960 -18.50 -22.19 -19.61
C ASP A 960 -19.99 -21.91 -19.43
N ALA A 961 -20.78 -22.23 -20.45
CA ALA A 961 -22.22 -21.99 -20.43
C ALA A 961 -22.83 -22.40 -19.09
N ALA A 962 -22.61 -23.65 -18.69
CA ALA A 962 -23.12 -24.16 -17.43
C ALA A 962 -22.69 -23.26 -16.28
N GLN A 963 -23.65 -22.87 -15.43
CA GLN A 963 -23.37 -22.00 -14.31
C GLN A 963 -22.83 -22.79 -13.12
N LYS A 966 -28.74 -21.26 -16.27
CA LYS A 966 -28.89 -22.69 -16.04
C LYS A 966 -29.06 -22.99 -14.55
N ASN A 967 -28.18 -22.42 -13.73
CA ASN A 967 -28.24 -22.60 -12.29
C ASN A 967 -29.50 -21.93 -11.74
N HIS A 968 -30.16 -22.60 -10.80
CA HIS A 968 -31.39 -22.09 -10.22
C HIS A 968 -31.19 -20.72 -9.59
N GLN A 969 -32.29 -19.96 -9.52
CA GLN A 969 -32.26 -18.61 -8.99
C GLN A 969 -32.16 -18.65 -7.47
N ASP A 970 -32.22 -19.86 -6.91
CA ASP A 970 -32.15 -20.07 -5.47
C ASP A 970 -30.80 -19.64 -4.88
N VAL A 971 -29.71 -20.14 -5.47
CA VAL A 971 -28.37 -19.77 -5.02
C VAL A 971 -28.11 -18.29 -5.28
N ARG A 972 -28.67 -17.79 -6.38
CA ARG A 972 -28.56 -16.37 -6.71
C ARG A 972 -29.23 -15.57 -5.59
N SER A 973 -30.43 -16.00 -5.19
CA SER A 973 -31.17 -15.35 -4.11
C SER A 973 -30.35 -15.28 -2.82
N TYR A 974 -29.82 -16.42 -2.41
CA TYR A 974 -29.04 -16.47 -1.18
C TYR A 974 -27.85 -15.50 -1.23
N VAL A 975 -26.97 -15.73 -2.20
CA VAL A 975 -25.76 -14.93 -2.38
C VAL A 975 -26.03 -13.43 -2.40
N ARG A 976 -27.10 -13.01 -3.08
CA ARG A 976 -27.42 -11.60 -3.20
C ARG A 976 -28.24 -11.05 -2.04
N GLN A 977 -28.63 -11.91 -1.11
CA GLN A 977 -29.47 -11.45 0.00
C GLN A 977 -28.86 -11.79 1.35
N LEU A 978 -27.53 -11.77 1.42
CA LEU A 978 -26.85 -12.08 2.67
C LEU A 978 -27.36 -11.22 3.80
N ASN A 979 -27.47 -11.83 4.98
CA ASN A 979 -27.84 -11.14 6.21
C ASN A 979 -26.87 -11.65 7.27
N VAL A 980 -26.10 -10.74 7.87
CA VAL A 980 -24.94 -11.14 8.66
C VAL A 980 -24.86 -10.36 9.96
N ILE A 981 -23.89 -10.74 10.79
CA ILE A 981 -23.58 -10.02 12.01
C ILE A 981 -22.30 -9.23 11.74
N ASP A 982 -22.37 -7.91 11.82
CA ASP A 982 -21.18 -7.12 11.56
C ASP A 982 -20.65 -6.56 12.87
N ASN A 983 -21.17 -7.06 13.98
CA ASN A 983 -20.73 -6.61 15.30
C ASN A 983 -19.63 -7.54 15.82
N GLN A 984 -18.40 -7.04 15.77
CA GLN A 984 -17.24 -7.84 16.16
C GLN A 984 -17.33 -8.28 17.62
N ARG A 985 -17.51 -7.32 18.52
CA ARG A 985 -17.60 -7.59 19.95
C ARG A 985 -18.48 -8.81 20.18
N THR A 986 -19.58 -8.85 19.43
CA THR A 986 -20.50 -9.97 19.47
C THR A 986 -19.84 -11.25 18.98
N LEU A 987 -19.38 -11.24 17.73
CA LEU A 987 -18.75 -12.39 17.13
C LEU A 987 -17.64 -12.96 18.01
N SER A 988 -16.90 -12.07 18.67
CA SER A 988 -15.81 -12.47 19.54
C SER A 988 -16.33 -13.23 20.76
N GLN A 989 -17.33 -12.66 21.42
CA GLN A 989 -17.94 -13.29 22.59
C GLN A 989 -18.41 -14.70 22.26
N MET A 990 -19.16 -14.83 21.16
CA MET A 990 -19.62 -16.13 20.72
C MET A 990 -18.45 -17.09 20.61
N SER A 991 -17.36 -16.62 20.01
CA SER A 991 -16.17 -17.45 19.82
C SER A 991 -15.69 -18.02 21.14
N HIS A 992 -15.86 -17.26 22.22
CA HIS A 992 -15.44 -17.69 23.55
C HIS A 992 -16.51 -18.54 24.23
N ARG A 993 -17.67 -18.67 23.59
CA ARG A 993 -18.73 -19.51 24.12
C ARG A 993 -18.83 -20.81 23.32
N LEU A 994 -17.93 -20.99 22.37
CA LEU A 994 -17.82 -22.26 21.67
C LEU A 994 -16.50 -22.94 22.01
N GLU A 995 -15.53 -22.14 22.44
CA GLU A 995 -14.24 -22.66 22.88
C GLU A 995 -13.62 -21.68 23.87
N PRO A 996 -14.06 -21.74 25.14
CA PRO A 996 -13.57 -20.86 26.20
C PRO A 996 -12.04 -20.84 26.34
N ARG A 997 -11.56 -19.75 26.95
CA ARG A 997 -10.15 -19.59 27.29
C ARG A 997 -9.87 -18.14 27.69
#